data_4ANJ
#
_entry.id   4ANJ
#
_cell.length_a   193.093
_cell.length_b   62.657
_cell.length_c   156.040
_cell.angle_alpha   90.00
_cell.angle_beta   117.96
_cell.angle_gamma   90.00
#
_symmetry.space_group_name_H-M   'C 1 2 1'
#
loop_
_entity.id
_entity.type
_entity.pdbx_description
1 polymer 'UNCONVENTIONAL MYOSIN-VI, GREEN FLUORESCENT PROTEIN'
2 polymer CALMODULIN
3 non-polymer "ADENOSINE-5'-DIPHOSPHATE"
4 non-polymer 'MAGNESIUM ION'
5 non-polymer 'TETRAFLUOROALUMINATE ION'
6 non-polymer 'CALCIUM ION'
7 water water
#
loop_
_entity_poly.entity_id
_entity_poly.type
_entity_poly.pdbx_seq_one_letter_code
_entity_poly.pdbx_strand_id
1 'polypeptide(L)'
;MEDGKPVWAPHPTDGFQVGNIVDIGPDSLTIEPLNQKGKTFLALINQVFPAEEDSKKDVEDNCSLMYLNEATLLHNIKVR
YSKDRIYTYVANILIAVNPYFDIPKIYSSETIKSYQGKSLGTMPPHVFAIADKAFRDMKVLKLSQSIIVSGESGAGKTEN
TKFVLRYLTESYGTGQDIDDRIVEANPLLEAFGNAKTVRNNNSSRFGKFVEIHFNEKSSVVGGFVSHYLLEKSRICVQGK
EERNYHIFYRLCAGASEDIRERLHLSSPDNFRYLNRGCTRYFANKETDKQILQNRKSPEYLKAGSLKDPLLDDHGDFIRM
CTAMKKIGLDDEEKLDLFRVVAGVLHLGNIDFEEAGSTSGGCNLKNKSTQALEYCAELLGLDQDDLRVSLTTRVMLTTAG
GAKGTVIKVPLKVEQANNARDALAKTVYSHLFDHVVNRVNQCFPFETSSYFIGVLDIAGFEYFEHNSFEQFCINYCNEKL
QQFFNERILKEEQELYQKEGLGVNEVHYVDNQDCIDLIEARLVGILDILDEENRLPQPSDQHFTSAVHQKHKDHFRLSIP
RKSKLAIHRNIRDDEGFIIRHFAGAVCYETTQFVEKNNDALHMSLESLICESRDKFIRELFESSTNNNKDTKQKAGKLSF
ISVGNKFKTQLNLLLDKLRSTGASFIRCIKPNLKMTSHHFEGAQILSQLQCSGMVSVLDLMQGGFPSRASFHELYNMYKK
YMPDKLARLDPRLFCKALFKALGLNEIDYKFGLTKVFFRPGKFAEFDQIMKSDPDHLAELVKRVNHWLICSRWKKVQWCS
LSVIKLKNKIKYRAEAVSKGEELFTGVVPILVELDGDVNGHKFSVSGEGEGDATYGKLTLKFICTTGKLPVPWPTLVTTF
(CR2)VQCFARYPDHMRQHDFFKSAMPEGYVQERTIFFKDDGNYKTRAEVKFEGDTLVNRIELKGIDFKEDGNILGHKLE
YNYNSHNVYIMADKQKNGIKVNFKIRHNIEDGSVQLADHYQQNTPIGDGPVLLPDNHYLSYQSALSKDPNEKRDHMVLLE
FVTAAGITHGMDELYK
;
A
2 'polypeptide(L)'
;MADQLTEEQIAEFKEAFSLFDKDGDGTITTKELGTVMRSLGQNPTEAELQDMINEVDADGNGTIDFPEFLTMMARKMKDT
DSEEEIREAFRVFDKDGNGFISAAELRHVMTNLGEKLTDEEVDEMIREADIDGDGQVNYEEFVTMMTSK
;
B
#
# COMPACT_ATOMS: atom_id res chain seq x y z
N GLY A 4 -12.00 -14.28 -16.63
CA GLY A 4 -13.26 -14.60 -15.88
C GLY A 4 -13.01 -15.34 -14.56
N LYS A 5 -12.14 -14.78 -13.72
CA LYS A 5 -11.87 -15.32 -12.38
C LYS A 5 -12.92 -14.82 -11.36
N PRO A 6 -13.24 -15.65 -10.34
CA PRO A 6 -14.16 -15.29 -9.26
C PRO A 6 -13.89 -13.93 -8.63
N VAL A 7 -14.95 -13.27 -8.17
CA VAL A 7 -14.85 -11.91 -7.67
C VAL A 7 -15.67 -11.72 -6.38
N TRP A 8 -15.38 -10.62 -5.67
CA TRP A 8 -16.19 -10.21 -4.53
C TRP A 8 -17.34 -9.33 -5.00
N ALA A 9 -18.54 -9.62 -4.50
CA ALA A 9 -19.71 -8.82 -4.76
C ALA A 9 -20.52 -8.75 -3.47
N PRO A 10 -21.33 -7.70 -3.29
CA PRO A 10 -21.99 -7.46 -2.01
C PRO A 10 -22.84 -8.61 -1.51
N HIS A 11 -22.87 -8.74 -0.18
CA HIS A 11 -23.70 -9.71 0.53
C HIS A 11 -24.34 -8.96 1.69
N PRO A 12 -25.66 -9.17 1.92
CA PRO A 12 -26.36 -8.39 2.95
C PRO A 12 -25.84 -8.56 4.37
N THR A 13 -25.30 -9.74 4.70
CA THR A 13 -24.82 -10.00 6.06
C THR A 13 -23.32 -10.32 6.17
N ASP A 14 -22.74 -10.82 5.08
CA ASP A 14 -21.31 -11.11 5.07
C ASP A 14 -20.50 -9.93 4.53
N GLY A 15 -21.18 -8.90 4.04
CA GLY A 15 -20.52 -7.75 3.43
C GLY A 15 -20.18 -8.04 1.99
N PHE A 16 -19.44 -9.12 1.78
CA PHE A 16 -19.10 -9.57 0.43
C PHE A 16 -19.20 -11.08 0.32
N GLN A 17 -19.51 -11.56 -0.88
CA GLN A 17 -19.53 -12.99 -1.19
C GLN A 17 -18.75 -13.24 -2.48
N VAL A 18 -18.27 -14.47 -2.64
CA VAL A 18 -17.57 -14.89 -3.85
C VAL A 18 -18.61 -15.28 -4.90
N GLY A 19 -18.34 -14.90 -6.14
CA GLY A 19 -19.16 -15.30 -7.28
C GLY A 19 -18.49 -15.00 -8.60
N ASN A 20 -19.14 -15.41 -9.69
CA ASN A 20 -18.63 -15.10 -11.03
C ASN A 20 -19.56 -14.16 -11.79
N ILE A 21 -18.95 -13.19 -12.46
CA ILE A 21 -19.66 -12.27 -13.34
C ILE A 21 -20.25 -13.10 -14.48
N VAL A 22 -21.54 -12.93 -14.75
CA VAL A 22 -22.17 -13.57 -15.90
C VAL A 22 -22.46 -12.57 -17.03
N ASP A 23 -23.35 -11.61 -16.79
CA ASP A 23 -23.68 -10.59 -17.79
C ASP A 23 -23.39 -9.20 -17.27
N ILE A 24 -22.95 -8.31 -18.16
CA ILE A 24 -22.58 -6.94 -17.80
C ILE A 24 -23.45 -5.92 -18.53
N GLY A 25 -23.98 -4.95 -17.78
CA GLY A 25 -24.69 -3.83 -18.37
C GLY A 25 -23.85 -2.56 -18.32
N PRO A 26 -24.47 -1.40 -18.53
CA PRO A 26 -23.76 -0.12 -18.43
C PRO A 26 -23.25 0.19 -17.03
N ASP A 27 -24.12 0.10 -16.02
CA ASP A 27 -23.77 0.45 -14.64
C ASP A 27 -23.88 -0.71 -13.66
N SER A 28 -24.46 -1.82 -14.12
CA SER A 28 -24.66 -2.99 -13.28
C SER A 28 -24.27 -4.26 -14.00
N LEU A 29 -24.18 -5.36 -13.25
CA LEU A 29 -23.90 -6.67 -13.80
C LEU A 29 -24.55 -7.77 -12.95
N THR A 30 -24.51 -9.01 -13.42
CA THR A 30 -25.01 -10.15 -12.63
C THR A 30 -23.86 -10.99 -12.09
N ILE A 31 -24.02 -11.43 -10.85
CA ILE A 31 -23.07 -12.32 -10.18
C ILE A 31 -23.74 -13.66 -9.90
N GLU A 32 -23.03 -14.74 -10.23
CA GLU A 32 -23.48 -16.08 -9.86
C GLU A 32 -22.67 -16.56 -8.67
N PRO A 33 -23.30 -16.68 -7.50
CA PRO A 33 -22.63 -17.14 -6.27
C PRO A 33 -21.94 -18.48 -6.46
N LEU A 34 -20.83 -18.67 -5.78
CA LEU A 34 -19.97 -19.86 -5.94
C LEU A 34 -20.67 -21.16 -5.54
N LYS A 39 -30.81 -16.69 -6.80
CA LYS A 39 -29.48 -16.59 -6.23
C LYS A 39 -28.51 -15.81 -7.10
N THR A 40 -28.59 -15.98 -8.42
CA THR A 40 -27.88 -15.04 -9.30
C THR A 40 -28.51 -13.67 -9.05
N PHE A 41 -27.67 -12.65 -8.88
CA PHE A 41 -28.18 -11.37 -8.39
C PHE A 41 -27.55 -10.15 -9.04
N LEU A 42 -28.22 -9.02 -8.86
CA LEU A 42 -27.76 -7.73 -9.35
C LEU A 42 -26.75 -7.08 -8.43
N ALA A 43 -25.69 -6.54 -9.05
CA ALA A 43 -24.70 -5.73 -8.35
C ALA A 43 -24.19 -4.65 -9.30
N LEU A 44 -23.95 -3.45 -8.77
CA LEU A 44 -23.36 -2.39 -9.60
C LEU A 44 -21.84 -2.57 -9.72
N ILE A 45 -21.32 -2.20 -10.90
CA ILE A 45 -19.91 -2.38 -11.22
C ILE A 45 -18.96 -1.91 -10.12
N ASN A 46 -19.30 -0.78 -9.50
CA ASN A 46 -18.41 -0.17 -8.49
C ASN A 46 -18.54 -0.75 -7.07
N GLN A 47 -19.32 -1.80 -6.94
CA GLN A 47 -19.38 -2.56 -5.70
C GLN A 47 -18.87 -3.99 -5.91
N VAL A 48 -18.19 -4.19 -7.04
CA VAL A 48 -17.62 -5.49 -7.41
C VAL A 48 -16.11 -5.33 -7.48
N PHE A 49 -15.38 -6.28 -6.89
CA PHE A 49 -13.95 -6.14 -6.69
C PHE A 49 -13.18 -7.41 -7.05
N PRO A 50 -11.90 -7.27 -7.48
CA PRO A 50 -11.04 -8.43 -7.73
C PRO A 50 -10.62 -9.13 -6.44
N ALA A 51 -10.48 -10.45 -6.49
CA ALA A 51 -10.22 -11.26 -5.31
C ALA A 51 -8.79 -11.78 -5.29
N GLU A 52 -8.26 -12.01 -4.10
CA GLU A 52 -6.98 -12.72 -3.94
C GLU A 52 -7.16 -14.14 -4.48
N GLU A 53 -6.19 -14.57 -5.28
CA GLU A 53 -6.23 -15.88 -5.93
C GLU A 53 -6.17 -17.05 -4.93
N ASP A 54 -5.48 -16.85 -3.81
CA ASP A 54 -5.47 -17.85 -2.73
C ASP A 54 -6.40 -17.41 -1.60
N SER A 55 -7.52 -18.11 -1.45
CA SER A 55 -8.51 -17.77 -0.44
C SER A 55 -8.15 -18.26 0.97
N LYS A 56 -7.07 -19.04 1.09
CA LYS A 56 -6.62 -19.54 2.38
C LYS A 56 -5.50 -18.67 2.97
N LYS A 57 -4.75 -17.99 2.10
CA LYS A 57 -3.63 -17.16 2.53
C LYS A 57 -4.12 -15.92 3.27
N ASP A 58 -3.32 -15.46 4.22
CA ASP A 58 -3.52 -14.16 4.83
C ASP A 58 -2.20 -13.41 4.89
N VAL A 59 -2.26 -12.10 4.80
CA VAL A 59 -1.06 -11.28 4.95
C VAL A 59 -1.15 -10.40 6.19
N GLU A 60 -0.01 -10.13 6.79
CA GLU A 60 0.06 -9.35 8.03
C GLU A 60 -0.18 -7.88 7.84
N ASP A 61 0.22 -7.38 6.68
CA ASP A 61 -0.01 -6.00 6.30
C ASP A 61 -0.86 -6.02 5.04
N ASN A 62 -2.05 -5.41 5.14
CA ASN A 62 -2.98 -5.40 4.02
C ASN A 62 -2.41 -4.78 2.75
N CYS A 63 -1.34 -3.99 2.90
CA CYS A 63 -0.63 -3.45 1.76
C CYS A 63 0.09 -4.54 0.96
N SER A 64 0.23 -5.73 1.54
CA SER A 64 0.82 -6.90 0.86
C SER A 64 -0.13 -7.63 -0.09
N LEU A 65 -1.42 -7.28 -0.05
CA LEU A 65 -2.41 -7.90 -0.91
C LEU A 65 -2.11 -7.59 -2.37
N MET A 66 -2.48 -8.49 -3.26
CA MET A 66 -2.33 -8.26 -4.69
C MET A 66 -3.29 -7.17 -5.15
N TYR A 67 -4.51 -7.20 -4.62
CA TYR A 67 -5.50 -6.19 -4.91
C TYR A 67 -5.91 -5.50 -3.62
N LEU A 68 -5.78 -4.17 -3.59
CA LEU A 68 -6.13 -3.39 -2.41
C LEU A 68 -7.49 -2.76 -2.55
N ASN A 69 -8.48 -3.37 -1.89
CA ASN A 69 -9.84 -2.85 -1.88
C ASN A 69 -10.56 -3.32 -0.61
N GLU A 70 -11.74 -2.74 -0.36
CA GLU A 70 -12.50 -3.04 0.85
C GLU A 70 -12.89 -4.50 1.02
N ALA A 71 -13.10 -5.22 -0.09
CA ALA A 71 -13.49 -6.62 -0.02
C ALA A 71 -12.31 -7.53 0.30
N THR A 72 -11.19 -7.32 -0.37
CA THR A 72 -9.96 -8.07 -0.07
C THR A 72 -9.49 -7.78 1.35
N LEU A 73 -9.64 -6.52 1.76
CA LEU A 73 -9.39 -6.13 3.15
C LEU A 73 -10.25 -6.93 4.14
N LEU A 74 -11.56 -6.97 3.89
CA LEU A 74 -12.51 -7.68 4.77
C LEU A 74 -12.20 -9.17 4.88
N HIS A 75 -11.90 -9.80 3.75
CA HIS A 75 -11.61 -11.22 3.72
C HIS A 75 -10.31 -11.54 4.44
N ASN A 76 -9.30 -10.70 4.23
CA ASN A 76 -8.00 -10.88 4.86
C ASN A 76 -8.12 -10.83 6.38
N ILE A 77 -8.84 -9.84 6.89
CA ILE A 77 -9.12 -9.74 8.31
C ILE A 77 -9.92 -10.95 8.82
N LYS A 78 -10.89 -11.40 8.02
CA LYS A 78 -11.72 -12.57 8.36
C LYS A 78 -10.89 -13.83 8.58
N VAL A 79 -10.02 -14.13 7.62
CA VAL A 79 -9.16 -15.30 7.68
C VAL A 79 -8.25 -15.26 8.90
N ARG A 80 -7.64 -14.09 9.14
CA ARG A 80 -6.75 -13.92 10.28
C ARG A 80 -7.48 -14.14 11.59
N TYR A 81 -8.70 -13.60 11.70
CA TYR A 81 -9.53 -13.74 12.90
C TYR A 81 -9.94 -15.19 13.14
N SER A 82 -10.10 -15.93 12.05
CA SER A 82 -10.38 -17.36 12.06
C SER A 82 -9.26 -18.15 12.75
N LYS A 83 -8.04 -17.58 12.76
CA LYS A 83 -6.87 -18.20 13.35
C LYS A 83 -6.45 -17.50 14.64
N ASP A 84 -7.32 -16.67 15.20
CA ASP A 84 -7.01 -15.88 16.40
C ASP A 84 -5.86 -14.86 16.19
N ARG A 85 -5.67 -14.47 14.94
CA ARG A 85 -4.76 -13.39 14.59
C ARG A 85 -5.59 -12.13 14.50
N ILE A 86 -5.81 -11.52 15.66
CA ILE A 86 -6.72 -10.38 15.81
C ILE A 86 -6.12 -9.03 15.36
N TYR A 87 -4.79 -8.98 15.26
CA TYR A 87 -4.11 -7.75 14.87
C TYR A 87 -3.65 -7.82 13.41
N THR A 88 -3.82 -6.73 12.67
CA THR A 88 -3.42 -6.64 11.27
C THR A 88 -3.05 -5.22 10.91
N TYR A 89 -2.05 -5.06 10.05
CA TYR A 89 -1.57 -3.74 9.66
C TYR A 89 -2.23 -3.21 8.39
N VAL A 90 -2.36 -1.88 8.35
CA VAL A 90 -2.43 -1.15 7.08
C VAL A 90 -1.32 -0.11 7.18
N ALA A 91 -0.16 -0.46 6.60
CA ALA A 91 1.09 0.25 6.83
C ALA A 91 1.43 0.28 8.33
N ASN A 92 1.56 1.46 8.91
CA ASN A 92 1.88 1.59 10.32
C ASN A 92 0.66 1.82 11.22
N ILE A 93 -0.52 1.49 10.68
CA ILE A 93 -1.76 1.55 11.45
C ILE A 93 -2.21 0.14 11.75
N LEU A 94 -2.74 -0.06 12.96
CA LEU A 94 -3.16 -1.38 13.41
C LEU A 94 -4.69 -1.51 13.46
N ILE A 95 -5.20 -2.61 12.90
CA ILE A 95 -6.60 -3.00 13.04
C ILE A 95 -6.65 -4.15 14.05
N ALA A 96 -7.52 -4.01 15.05
CA ALA A 96 -7.63 -4.96 16.16
C ALA A 96 -9.08 -5.43 16.33
N VAL A 97 -9.34 -6.68 16.02
CA VAL A 97 -10.69 -7.22 16.16
C VAL A 97 -10.84 -7.88 17.53
N ASN A 98 -11.86 -7.47 18.27
CA ASN A 98 -12.11 -7.99 19.62
C ASN A 98 -12.32 -9.52 19.59
N PRO A 99 -11.41 -10.29 20.23
CA PRO A 99 -11.57 -11.74 20.21
C PRO A 99 -12.75 -12.24 21.04
N TYR A 100 -13.12 -11.48 22.07
CA TYR A 100 -14.09 -11.89 23.09
C TYR A 100 -13.71 -13.17 23.84
N PHE A 101 -12.41 -13.45 23.90
CA PHE A 101 -11.84 -14.48 24.78
C PHE A 101 -10.35 -14.21 24.95
N ASP A 102 -9.74 -14.79 25.99
CA ASP A 102 -8.30 -14.63 26.24
C ASP A 102 -7.47 -15.53 25.36
N ILE A 103 -6.70 -14.93 24.46
CA ILE A 103 -5.76 -15.66 23.63
C ILE A 103 -4.52 -15.92 24.47
N PRO A 104 -4.12 -17.21 24.60
CA PRO A 104 -3.06 -17.59 25.54
C PRO A 104 -1.72 -16.96 25.18
N LYS A 105 -0.97 -16.53 26.19
CA LYS A 105 0.45 -16.11 26.05
C LYS A 105 0.71 -14.87 25.19
N ILE A 106 -0.31 -14.37 24.50
CA ILE A 106 -0.14 -13.29 23.52
C ILE A 106 0.19 -11.93 24.17
N TYR A 107 -0.03 -11.85 25.48
CA TYR A 107 0.23 -10.63 26.26
C TYR A 107 1.19 -10.88 27.42
N SER A 108 1.92 -11.99 27.36
CA SER A 108 2.83 -12.38 28.44
C SER A 108 4.05 -11.46 28.52
N SER A 109 4.73 -11.48 29.67
CA SER A 109 5.97 -10.72 29.85
C SER A 109 7.03 -11.22 28.89
N GLU A 110 6.99 -12.51 28.60
CA GLU A 110 7.85 -13.12 27.60
C GLU A 110 7.57 -12.54 26.21
N THR A 111 6.30 -12.25 25.93
CA THR A 111 5.94 -11.65 24.63
C THR A 111 6.35 -10.18 24.58
N ILE A 112 6.17 -9.47 25.69
CA ILE A 112 6.60 -8.08 25.81
C ILE A 112 8.07 -7.90 25.45
N LYS A 113 8.94 -8.71 26.07
CA LYS A 113 10.38 -8.63 25.82
C LYS A 113 10.69 -8.85 24.34
N SER A 114 10.02 -9.82 23.73
CA SER A 114 10.27 -10.18 22.34
C SER A 114 9.95 -9.08 21.31
N TYR A 115 9.22 -8.05 21.74
CA TYR A 115 8.87 -6.93 20.85
C TYR A 115 9.80 -5.72 20.98
N GLN A 116 10.65 -5.73 22.00
CA GLN A 116 11.51 -4.61 22.32
C GLN A 116 12.56 -4.35 21.24
N GLY A 117 12.58 -3.10 20.75
CA GLY A 117 13.56 -2.66 19.77
C GLY A 117 13.32 -3.17 18.35
N LYS A 118 12.28 -3.97 18.17
CA LYS A 118 12.00 -4.61 16.88
C LYS A 118 11.19 -3.71 15.96
N SER A 119 11.63 -3.63 14.71
CA SER A 119 10.96 -2.83 13.69
C SER A 119 9.60 -3.40 13.33
N LEU A 120 8.70 -2.52 12.89
CA LEU A 120 7.40 -2.95 12.38
C LEU A 120 7.61 -3.94 11.25
N GLY A 121 6.94 -5.07 11.32
CA GLY A 121 7.04 -6.09 10.28
C GLY A 121 7.94 -7.27 10.62
N THR A 122 8.94 -7.04 11.47
CA THR A 122 9.87 -8.13 11.84
C THR A 122 9.28 -9.03 12.92
N MET A 123 8.21 -8.57 13.54
CA MET A 123 7.37 -9.39 14.41
C MET A 123 5.93 -9.29 13.91
N PRO A 124 5.06 -10.27 14.26
CA PRO A 124 3.67 -10.19 13.79
C PRO A 124 2.95 -8.96 14.35
N PRO A 125 1.88 -8.51 13.66
CA PRO A 125 1.19 -7.29 14.08
C PRO A 125 0.65 -7.46 15.49
N HIS A 126 0.92 -6.47 16.33
CA HIS A 126 0.57 -6.54 17.74
C HIS A 126 0.48 -5.12 18.28
N VAL A 127 -0.33 -4.96 19.31
CA VAL A 127 -0.39 -3.69 20.04
C VAL A 127 0.99 -3.30 20.59
N PHE A 128 1.79 -4.30 20.99
CA PHE A 128 3.14 -4.08 21.52
C PHE A 128 4.10 -3.43 20.53
N ALA A 129 3.92 -3.72 19.24
CA ALA A 129 4.78 -3.14 18.21
C ALA A 129 4.48 -1.66 18.00
N ILE A 130 3.21 -1.30 18.06
CA ILE A 130 2.78 0.10 18.00
C ILE A 130 3.37 0.87 19.18
N ALA A 131 3.27 0.29 20.37
CA ALA A 131 3.83 0.93 21.58
C ALA A 131 5.34 1.08 21.50
N ASP A 132 6.01 0.07 20.96
CA ASP A 132 7.46 0.13 20.77
C ASP A 132 7.85 1.15 19.72
N LYS A 133 7.02 1.29 18.68
CA LYS A 133 7.27 2.23 17.60
C LYS A 133 7.23 3.66 18.15
N ALA A 134 6.24 3.92 19.00
CA ALA A 134 6.09 5.21 19.67
C ALA A 134 7.30 5.53 20.54
N PHE A 135 7.83 4.52 21.22
CA PHE A 135 9.02 4.69 22.05
C PHE A 135 10.25 5.05 21.23
N ARG A 136 10.48 4.31 20.16
CA ARG A 136 11.62 4.59 19.28
C ARG A 136 11.53 5.99 18.66
N ASP A 137 10.33 6.37 18.21
CA ASP A 137 10.10 7.71 17.68
C ASP A 137 10.36 8.79 18.72
N MET A 138 9.89 8.56 19.95
CA MET A 138 10.15 9.47 21.05
C MET A 138 11.65 9.62 21.31
N LYS A 139 12.34 8.49 21.44
CA LYS A 139 13.76 8.46 21.79
C LYS A 139 14.65 9.03 20.69
N VAL A 140 14.31 8.75 19.44
CA VAL A 140 15.16 9.17 18.32
C VAL A 140 14.84 10.59 17.84
N LEU A 141 13.55 10.88 17.63
CA LEU A 141 13.12 12.19 17.12
C LEU A 141 13.01 13.27 18.20
N LYS A 142 13.15 12.86 19.47
CA LYS A 142 13.08 13.77 20.61
C LYS A 142 11.74 14.51 20.62
N LEU A 143 10.67 13.73 20.41
CA LEU A 143 9.33 14.27 20.24
C LEU A 143 8.31 13.40 20.96
N SER A 144 7.50 14.02 21.81
CA SER A 144 6.45 13.33 22.56
C SER A 144 5.50 12.61 21.63
N GLN A 145 4.76 11.66 22.17
CA GLN A 145 4.05 10.71 21.35
C GLN A 145 2.66 10.41 21.90
N SER A 146 1.71 10.20 21.00
CA SER A 146 0.39 9.83 21.43
C SER A 146 -0.15 8.62 20.66
N ILE A 147 -0.68 7.66 21.41
CA ILE A 147 -1.26 6.45 20.84
C ILE A 147 -2.78 6.51 20.97
N ILE A 148 -3.44 6.64 19.84
CA ILE A 148 -4.88 6.82 19.80
C ILE A 148 -5.56 5.50 19.45
N VAL A 149 -6.41 5.03 20.35
CA VAL A 149 -7.11 3.77 20.15
C VAL A 149 -8.61 4.00 20.07
N SER A 150 -9.14 3.93 18.85
CA SER A 150 -10.53 4.23 18.56
C SER A 150 -11.37 2.95 18.44
N GLY A 151 -12.67 3.15 18.22
CA GLY A 151 -13.60 2.03 18.08
C GLY A 151 -14.91 2.34 18.77
N GLU A 152 -16.00 1.80 18.24
CA GLU A 152 -17.30 1.95 18.88
C GLU A 152 -17.33 1.19 20.21
N SER A 153 -18.47 1.23 20.90
CA SER A 153 -18.58 0.63 22.23
C SER A 153 -18.32 -0.87 22.22
N GLY A 154 -17.44 -1.32 23.12
CA GLY A 154 -17.13 -2.74 23.28
C GLY A 154 -16.15 -3.30 22.25
N ALA A 155 -15.48 -2.42 21.52
CA ALA A 155 -14.57 -2.86 20.46
C ALA A 155 -13.20 -3.30 20.98
N GLY A 156 -12.86 -2.89 22.19
CA GLY A 156 -11.60 -3.30 22.81
C GLY A 156 -10.56 -2.21 23.03
N LYS A 157 -11.02 -0.96 23.17
CA LYS A 157 -10.12 0.17 23.36
C LYS A 157 -9.44 0.16 24.73
N THR A 158 -10.23 -0.03 25.78
CA THR A 158 -9.72 -0.04 27.14
C THR A 158 -8.74 -1.21 27.33
N GLU A 159 -9.09 -2.36 26.78
CA GLU A 159 -8.22 -3.53 26.85
C GLU A 159 -6.89 -3.32 26.14
N ASN A 160 -6.92 -2.71 24.96
CA ASN A 160 -5.70 -2.43 24.23
C ASN A 160 -4.88 -1.30 24.87
N THR A 161 -5.56 -0.29 25.39
CA THR A 161 -4.94 0.74 26.22
C THR A 161 -4.12 0.10 27.34
N LYS A 162 -4.71 -0.88 28.01
CA LYS A 162 -4.03 -1.58 29.11
C LYS A 162 -2.79 -2.32 28.62
N PHE A 163 -2.92 -3.01 27.49
CA PHE A 163 -1.79 -3.73 26.89
C PHE A 163 -0.62 -2.80 26.59
N VAL A 164 -0.93 -1.60 26.07
CA VAL A 164 0.09 -0.61 25.76
C VAL A 164 0.80 -0.12 27.01
N LEU A 165 0.01 0.30 28.00
CA LEU A 165 0.57 0.82 29.25
C LEU A 165 1.45 -0.23 29.92
N ARG A 166 0.98 -1.48 29.88
CA ARG A 166 1.72 -2.60 30.44
C ARG A 166 3.02 -2.81 29.68
N TYR A 167 2.98 -2.78 28.34
CA TYR A 167 4.18 -2.89 27.54
C TYR A 167 5.24 -1.87 27.96
N LEU A 168 4.90 -0.59 27.78
CA LEU A 168 5.82 0.51 28.02
C LEU A 168 6.44 0.56 29.43
N THR A 169 5.66 0.22 30.45
CA THR A 169 6.16 0.29 31.83
C THR A 169 7.03 -0.92 32.21
N GLU A 170 6.68 -2.09 31.69
CA GLU A 170 7.51 -3.28 31.86
C GLU A 170 8.83 -3.15 31.10
N SER A 171 8.76 -2.58 29.91
CA SER A 171 9.92 -2.50 29.01
C SER A 171 10.89 -1.39 29.39
N TYR A 172 10.36 -0.24 29.82
CA TYR A 172 11.18 0.94 30.01
C TYR A 172 11.03 1.58 31.40
N GLY A 173 10.74 0.73 32.38
CA GLY A 173 10.79 1.11 33.78
C GLY A 173 12.18 0.83 34.32
N THR A 174 12.25 0.09 35.42
CA THR A 174 13.53 -0.24 36.06
C THR A 174 13.45 -1.54 36.88
N ILE A 178 7.09 0.11 41.92
CA ILE A 178 6.72 1.52 41.76
C ILE A 178 6.42 1.88 40.30
N ASP A 179 7.03 1.15 39.37
CA ASP A 179 6.81 1.32 37.93
C ASP A 179 5.50 0.68 37.47
N ASP A 180 5.03 -0.30 38.25
CA ASP A 180 3.81 -1.03 37.91
C ASP A 180 2.55 -0.34 38.43
N ARG A 181 2.72 0.83 39.03
CA ARG A 181 1.61 1.57 39.63
C ARG A 181 0.63 2.10 38.58
N ILE A 182 1.16 2.56 37.44
CA ILE A 182 0.31 3.03 36.35
C ILE A 182 -0.61 1.90 35.86
N VAL A 183 -0.10 0.67 35.85
CA VAL A 183 -0.88 -0.50 35.50
C VAL A 183 -1.83 -0.88 36.64
N GLU A 184 -1.26 -1.04 37.84
CA GLU A 184 -2.03 -1.46 39.03
C GLU A 184 -3.14 -0.48 39.39
N ALA A 185 -3.08 0.74 38.83
CA ALA A 185 -4.08 1.77 39.05
C ALA A 185 -5.45 1.46 38.45
N ASN A 186 -5.49 0.81 37.28
CA ASN A 186 -6.76 0.63 36.55
C ASN A 186 -7.92 -0.03 37.30
N PRO A 187 -7.67 -1.11 38.06
CA PRO A 187 -8.76 -1.66 38.87
C PRO A 187 -9.52 -0.59 39.67
N LEU A 188 -8.79 0.43 40.12
CA LEU A 188 -9.38 1.50 40.91
C LEU A 188 -10.24 2.43 40.06
N LEU A 189 -9.69 2.89 38.93
CA LEU A 189 -10.42 3.77 38.01
C LEU A 189 -11.65 3.10 37.41
N GLU A 190 -11.51 1.82 37.07
CA GLU A 190 -12.62 1.05 36.50
C GLU A 190 -13.73 0.81 37.52
N ALA A 191 -13.36 0.65 38.78
CA ALA A 191 -14.34 0.44 39.86
C ALA A 191 -15.32 1.61 39.93
N PHE A 192 -14.79 2.82 39.74
CA PHE A 192 -15.59 4.03 39.89
C PHE A 192 -16.10 4.62 38.57
N GLY A 193 -15.48 4.26 37.45
CA GLY A 193 -15.85 4.81 36.15
C GLY A 193 -16.44 3.86 35.12
N ASN A 194 -16.45 2.56 35.45
CA ASN A 194 -16.91 1.54 34.52
C ASN A 194 -18.19 0.87 35.01
N ALA A 195 -19.06 0.49 34.08
CA ALA A 195 -20.36 -0.09 34.44
C ALA A 195 -20.90 -0.95 33.32
N LYS A 196 -21.84 -1.83 33.65
CA LYS A 196 -22.45 -2.72 32.66
C LYS A 196 -23.36 -1.94 31.72
N THR A 197 -23.22 -2.21 30.43
CA THR A 197 -24.09 -1.64 29.42
C THR A 197 -24.58 -2.79 28.54
N VAL A 198 -25.61 -2.56 27.74
CA VAL A 198 -26.05 -3.54 26.76
C VAL A 198 -24.93 -3.85 25.74
N ARG A 199 -24.04 -2.88 25.52
CA ARG A 199 -22.98 -3.00 24.53
C ARG A 199 -21.69 -3.57 25.11
N ASN A 200 -21.44 -3.29 26.40
CA ASN A 200 -20.18 -3.65 27.03
C ASN A 200 -20.37 -3.84 28.53
N ASN A 201 -20.11 -5.06 29.00
CA ASN A 201 -20.17 -5.37 30.43
C ASN A 201 -19.19 -4.52 31.25
N ASN A 202 -18.06 -4.16 30.66
CA ASN A 202 -17.06 -3.34 31.33
C ASN A 202 -16.91 -1.97 30.69
N SER A 203 -18.03 -1.36 30.35
CA SER A 203 -18.04 -0.10 29.63
C SER A 203 -17.42 1.03 30.44
N SER A 204 -16.53 1.79 29.81
CA SER A 204 -16.00 3.03 30.40
C SER A 204 -17.02 4.14 30.21
N ARG A 205 -17.35 4.82 31.30
CA ARG A 205 -18.36 5.89 31.25
C ARG A 205 -17.68 7.25 31.40
N PHE A 206 -16.40 7.29 31.04
CA PHE A 206 -15.58 8.49 31.10
C PHE A 206 -14.49 8.31 30.06
N GLY A 207 -13.95 9.42 29.55
CA GLY A 207 -12.84 9.35 28.62
C GLY A 207 -11.54 9.56 29.38
N LYS A 208 -10.48 8.91 28.94
CA LYS A 208 -9.19 9.09 29.61
C LYS A 208 -7.99 9.20 28.67
N PHE A 209 -6.99 9.96 29.13
CA PHE A 209 -5.73 10.12 28.43
C PHE A 209 -4.62 9.84 29.43
N VAL A 210 -3.96 8.69 29.27
CA VAL A 210 -2.94 8.26 30.21
C VAL A 210 -1.54 8.55 29.67
N GLU A 211 -0.86 9.46 30.35
CA GLU A 211 0.47 9.89 29.93
C GLU A 211 1.52 9.14 30.73
N ILE A 212 2.48 8.56 30.01
CA ILE A 212 3.68 8.01 30.62
C ILE A 212 4.82 8.98 30.31
N HIS A 213 5.38 9.57 31.36
CA HIS A 213 6.43 10.57 31.23
C HIS A 213 7.82 9.94 31.32
N PHE A 214 8.75 10.48 30.54
CA PHE A 214 10.10 9.96 30.46
C PHE A 214 11.13 11.04 30.70
N ASN A 215 12.27 10.65 31.27
CA ASN A 215 13.42 11.54 31.44
C ASN A 215 14.28 11.59 30.18
N GLU A 216 15.46 12.19 30.30
CA GLU A 216 16.39 12.33 29.18
C GLU A 216 16.92 10.98 28.69
N LYS A 217 17.10 10.04 29.63
CA LYS A 217 17.59 8.70 29.31
C LYS A 217 16.52 7.82 28.71
N SER A 218 15.32 8.39 28.50
CA SER A 218 14.13 7.65 28.04
C SER A 218 13.73 6.57 29.03
N SER A 219 13.74 6.91 30.32
CA SER A 219 13.25 6.03 31.37
C SER A 219 12.01 6.62 32.03
N VAL A 220 11.10 5.74 32.44
CA VAL A 220 9.84 6.12 33.08
C VAL A 220 10.10 6.77 34.43
N VAL A 221 9.53 7.95 34.61
CA VAL A 221 9.68 8.71 35.85
C VAL A 221 8.36 8.87 36.58
N GLY A 222 7.27 8.50 35.91
CA GLY A 222 5.93 8.60 36.47
C GLY A 222 4.91 8.73 35.36
N GLY A 223 3.71 9.21 35.71
CA GLY A 223 2.66 9.38 34.73
C GLY A 223 1.55 10.33 35.13
N PHE A 224 0.62 10.56 34.22
CA PHE A 224 -0.53 11.42 34.49
C PHE A 224 -1.78 10.96 33.77
N VAL A 225 -2.88 10.85 34.51
CA VAL A 225 -4.17 10.45 33.94
C VAL A 225 -5.10 11.66 33.85
N SER A 226 -5.51 12.01 32.63
CA SER A 226 -6.56 13.00 32.43
C SER A 226 -7.89 12.30 32.20
N HIS A 227 -8.92 12.72 32.93
CA HIS A 227 -10.25 12.13 32.81
C HIS A 227 -11.27 13.13 32.29
N TYR A 228 -12.22 12.63 31.50
CA TYR A 228 -13.17 13.50 30.80
C TYR A 228 -14.61 13.04 31.00
N LEU A 229 -15.42 13.96 31.51
CA LEU A 229 -16.87 13.81 31.61
C LEU A 229 -17.37 12.42 32.02
N LEU A 230 -17.48 12.20 33.32
CA LEU A 230 -18.09 11.00 33.86
C LEU A 230 -19.61 11.09 33.67
N GLU A 231 -20.21 9.97 33.29
CA GLU A 231 -21.66 9.90 33.12
C GLU A 231 -22.38 10.04 34.47
N LYS A 232 -23.22 11.06 34.58
CA LYS A 232 -23.79 11.46 35.87
C LYS A 232 -25.10 10.77 36.20
N SER A 233 -25.92 10.52 35.18
CA SER A 233 -27.24 9.97 35.42
C SER A 233 -27.23 8.53 35.90
N ARG A 234 -26.18 7.79 35.55
CA ARG A 234 -26.03 6.37 35.91
C ARG A 234 -25.98 6.16 37.42
N ILE A 235 -25.53 7.18 38.14
CA ILE A 235 -25.41 7.13 39.59
C ILE A 235 -26.75 6.85 40.26
N CYS A 236 -27.81 7.40 39.69
CA CYS A 236 -29.15 7.31 40.28
C CYS A 236 -30.06 6.31 39.61
N VAL A 237 -30.03 6.27 38.27
CA VAL A 237 -30.93 5.39 37.52
C VAL A 237 -30.23 4.72 36.32
N GLN A 238 -30.67 3.49 36.03
CA GLN A 238 -30.17 2.75 34.87
C GLN A 238 -31.24 1.84 34.27
N GLY A 239 -31.00 1.32 33.07
CA GLY A 239 -31.95 0.43 32.40
C GLY A 239 -31.93 -0.97 32.99
N LYS A 240 -33.04 -1.68 32.84
CA LYS A 240 -33.20 -3.05 33.39
C LYS A 240 -32.05 -4.01 33.08
N GLU A 241 -31.29 -3.71 32.02
CA GLU A 241 -30.18 -4.58 31.59
C GLU A 241 -28.81 -3.96 31.87
N GLU A 242 -28.81 -2.79 32.48
CA GLU A 242 -27.57 -2.08 32.78
C GLU A 242 -27.38 -1.98 34.29
N ARG A 243 -26.17 -1.61 34.70
CA ARG A 243 -25.89 -1.39 36.12
C ARG A 243 -25.29 -0.01 36.37
N ASN A 244 -25.32 0.40 37.63
CA ASN A 244 -24.53 1.53 38.11
C ASN A 244 -23.07 1.09 38.05
N TYR A 245 -22.16 1.97 38.46
CA TYR A 245 -20.72 1.67 38.48
C TYR A 245 -20.39 0.45 39.31
N HIS A 246 -19.38 -0.30 38.85
CA HIS A 246 -19.00 -1.58 39.45
C HIS A 246 -18.82 -1.53 40.96
N ILE A 247 -18.20 -0.46 41.46
CA ILE A 247 -17.89 -0.32 42.89
C ILE A 247 -19.03 -0.78 43.81
N PHE A 248 -20.24 -0.28 43.55
CA PHE A 248 -21.41 -0.64 44.34
C PHE A 248 -21.58 -2.16 44.46
N TYR A 249 -21.42 -2.86 43.33
CA TYR A 249 -21.64 -4.29 43.26
C TYR A 249 -20.44 -5.07 43.78
N ARG A 250 -19.25 -4.50 43.59
CA ARG A 250 -18.02 -5.06 44.14
C ARG A 250 -18.03 -4.97 45.66
N LEU A 251 -18.46 -3.81 46.17
CA LEU A 251 -18.61 -3.62 47.61
C LEU A 251 -19.62 -4.63 48.19
N CYS A 252 -20.83 -4.66 47.65
CA CYS A 252 -21.87 -5.58 48.12
C CYS A 252 -21.50 -7.06 48.05
N ALA A 253 -20.81 -7.46 46.99
CA ALA A 253 -20.46 -8.87 46.81
C ALA A 253 -19.29 -9.34 47.67
N GLY A 254 -18.34 -8.43 47.91
CA GLY A 254 -17.05 -8.82 48.48
C GLY A 254 -16.70 -8.33 49.87
N ALA A 255 -17.40 -7.29 50.34
CA ALA A 255 -17.11 -6.71 51.66
C ALA A 255 -17.23 -7.74 52.76
N SER A 256 -16.37 -7.62 53.77
CA SER A 256 -16.46 -8.45 54.96
C SER A 256 -17.76 -8.14 55.69
N GLU A 257 -18.25 -9.11 56.47
CA GLU A 257 -19.45 -8.93 57.28
C GLU A 257 -19.33 -7.70 58.20
N ASP A 258 -18.12 -7.45 58.68
CA ASP A 258 -17.81 -6.27 59.49
C ASP A 258 -18.13 -4.99 58.72
N ILE A 259 -17.50 -4.83 57.55
CA ILE A 259 -17.70 -3.66 56.68
C ILE A 259 -19.17 -3.52 56.25
N ARG A 260 -19.84 -4.64 56.03
CA ARG A 260 -21.27 -4.63 55.70
C ARG A 260 -22.14 -4.06 56.82
N GLU A 261 -21.80 -4.38 58.07
CA GLU A 261 -22.55 -3.88 59.23
C GLU A 261 -22.32 -2.38 59.44
N ARG A 262 -21.06 -1.96 59.35
CA ARG A 262 -20.69 -0.56 59.55
C ARG A 262 -21.32 0.36 58.50
N LEU A 263 -21.51 -0.16 57.29
CA LEU A 263 -22.00 0.63 56.16
C LEU A 263 -23.47 0.39 55.86
N HIS A 264 -24.08 -0.52 56.63
CA HIS A 264 -25.49 -0.90 56.51
C HIS A 264 -25.86 -1.30 55.09
N LEU A 265 -24.98 -2.12 54.49
CA LEU A 265 -25.20 -2.61 53.13
C LEU A 265 -26.03 -3.89 53.16
N SER A 266 -26.71 -4.14 52.04
CA SER A 266 -27.41 -5.40 51.84
C SER A 266 -27.41 -5.71 50.36
N SER A 267 -28.16 -6.73 49.96
CA SER A 267 -28.32 -7.07 48.56
C SER A 267 -28.80 -5.86 47.75
N PRO A 268 -28.26 -5.68 46.53
CA PRO A 268 -28.47 -4.46 45.72
C PRO A 268 -29.92 -4.05 45.52
N ASP A 269 -30.85 -5.01 45.52
CA ASP A 269 -32.27 -4.73 45.32
C ASP A 269 -32.83 -3.76 46.36
N ASN A 270 -32.13 -3.62 47.48
CA ASN A 270 -32.56 -2.75 48.57
C ASN A 270 -32.26 -1.27 48.34
N PHE A 271 -31.68 -0.94 47.19
CA PHE A 271 -31.27 0.45 46.92
C PHE A 271 -31.85 1.00 45.63
N ARG A 272 -32.58 2.12 45.74
CA ARG A 272 -33.17 2.81 44.59
C ARG A 272 -32.15 3.09 43.49
N TYR A 273 -30.92 3.35 43.90
CA TYR A 273 -29.85 3.69 42.96
C TYR A 273 -29.26 2.46 42.25
N LEU A 274 -29.78 1.28 42.58
CA LEU A 274 -29.36 0.02 41.96
C LEU A 274 -30.51 -0.82 41.42
N ASN A 275 -31.66 -0.79 42.09
CA ASN A 275 -32.72 -1.78 41.86
C ASN A 275 -33.59 -1.60 40.62
N ARG A 276 -33.52 -0.44 39.97
CA ARG A 276 -34.15 -0.24 38.65
C ARG A 276 -33.30 -0.83 37.53
N GLY A 277 -32.03 -1.10 37.83
CA GLY A 277 -31.15 -1.75 36.88
C GLY A 277 -31.01 -3.23 37.17
N CYS A 278 -29.99 -3.84 36.57
CA CYS A 278 -29.68 -5.23 36.81
C CYS A 278 -29.02 -5.39 38.18
N THR A 279 -29.60 -6.24 39.02
CA THR A 279 -29.11 -6.40 40.40
C THR A 279 -28.25 -7.65 40.56
N ARG A 280 -28.01 -8.36 39.47
CA ARG A 280 -27.25 -9.60 39.51
C ARG A 280 -25.75 -9.30 39.55
N TYR A 281 -24.97 -10.25 40.07
CA TYR A 281 -23.53 -10.14 40.08
C TYR A 281 -22.92 -10.87 38.90
N PHE A 282 -21.75 -10.40 38.47
CA PHE A 282 -20.89 -11.16 37.59
C PHE A 282 -20.20 -12.21 38.45
N ALA A 283 -20.43 -13.48 38.13
CA ALA A 283 -19.87 -14.60 38.89
C ALA A 283 -19.90 -15.89 38.09
N ASN A 284 -19.08 -16.85 38.52
CA ASN A 284 -19.12 -18.21 37.98
C ASN A 284 -19.44 -19.21 39.09
N LYS A 285 -19.45 -20.51 38.77
CA LYS A 285 -19.77 -21.55 39.76
C LYS A 285 -18.91 -21.42 41.01
N GLU A 286 -17.60 -21.26 40.82
CA GLU A 286 -16.63 -21.19 41.92
C GLU A 286 -16.74 -19.90 42.76
N THR A 287 -16.99 -18.76 42.12
CA THR A 287 -17.04 -17.47 42.84
C THR A 287 -18.40 -17.15 43.46
N ASP A 288 -19.45 -17.86 43.03
CA ASP A 288 -20.77 -17.71 43.61
C ASP A 288 -20.78 -18.18 45.07
N LYS A 289 -20.00 -19.21 45.36
CA LYS A 289 -19.87 -19.78 46.70
C LYS A 289 -19.18 -18.80 47.67
N GLN A 290 -18.33 -17.93 47.12
CA GLN A 290 -17.57 -16.97 47.92
C GLN A 290 -18.39 -15.70 48.26
N ILE A 291 -19.63 -15.64 47.77
CA ILE A 291 -20.55 -14.54 48.06
C ILE A 291 -21.66 -15.03 48.99
N LEU A 292 -21.86 -14.33 50.11
CA LEU A 292 -22.86 -14.72 51.09
C LEU A 292 -24.29 -14.49 50.57
N GLN A 293 -25.24 -15.21 51.16
CA GLN A 293 -26.64 -15.17 50.72
C GLN A 293 -27.32 -13.82 50.92
N ASN A 294 -26.97 -13.13 52.01
CA ASN A 294 -27.53 -11.82 52.33
C ASN A 294 -27.05 -10.71 51.40
N ARG A 295 -26.22 -11.06 50.43
CA ARG A 295 -25.71 -10.13 49.44
C ARG A 295 -26.42 -10.31 48.10
N LYS A 296 -27.11 -11.44 47.94
CA LYS A 296 -27.69 -11.84 46.65
C LYS A 296 -29.17 -11.43 46.50
N SER A 297 -29.49 -10.81 45.38
CA SER A 297 -30.85 -10.28 45.13
C SER A 297 -31.81 -11.38 44.68
N PRO A 298 -33.14 -11.18 44.90
CA PRO A 298 -34.12 -12.14 44.40
C PRO A 298 -33.91 -12.47 42.92
N GLU A 299 -33.55 -11.47 42.13
CA GLU A 299 -33.23 -11.63 40.71
C GLU A 299 -32.03 -12.56 40.52
N TYR A 300 -31.00 -12.38 41.35
CA TYR A 300 -29.82 -13.24 41.32
C TYR A 300 -30.19 -14.68 41.68
N LEU A 301 -30.95 -14.85 42.76
CA LEU A 301 -31.41 -16.17 43.20
C LEU A 301 -32.29 -16.86 42.16
N LYS A 302 -33.09 -16.06 41.44
CA LYS A 302 -34.03 -16.57 40.46
C LYS A 302 -33.33 -16.96 39.16
N ALA A 303 -32.45 -16.10 38.67
CA ALA A 303 -31.91 -16.20 37.30
C ALA A 303 -30.43 -16.55 37.20
N GLY A 304 -29.76 -16.68 38.34
CA GLY A 304 -28.31 -16.94 38.34
C GLY A 304 -27.47 -15.70 38.06
N SER A 305 -26.15 -15.89 38.10
CA SER A 305 -25.20 -14.79 37.87
C SER A 305 -25.14 -14.32 36.42
N LEU A 306 -24.52 -13.16 36.23
CA LEU A 306 -24.18 -12.68 34.90
C LEU A 306 -22.83 -13.28 34.51
N LYS A 307 -22.68 -13.64 33.25
CA LYS A 307 -21.48 -14.34 32.78
C LYS A 307 -20.54 -13.41 32.00
N ASP A 308 -19.26 -13.48 32.35
CA ASP A 308 -18.23 -12.73 31.65
C ASP A 308 -16.88 -13.42 31.84
N PRO A 309 -16.05 -13.48 30.78
CA PRO A 309 -14.71 -14.06 30.96
C PRO A 309 -13.75 -13.18 31.78
N LEU A 310 -13.99 -11.86 31.81
CA LEU A 310 -13.10 -10.92 32.49
C LEU A 310 -13.63 -10.44 33.84
N LEU A 311 -14.91 -10.06 33.89
CA LEU A 311 -15.49 -9.50 35.09
C LEU A 311 -15.96 -10.56 36.08
N ASP A 312 -15.64 -10.34 37.36
CA ASP A 312 -16.17 -11.14 38.45
C ASP A 312 -16.26 -10.28 39.69
N ASP A 313 -17.47 -9.92 40.09
CA ASP A 313 -17.69 -8.92 41.15
C ASP A 313 -16.91 -9.15 42.44
N HIS A 314 -17.04 -10.36 43.01
CA HIS A 314 -16.31 -10.74 44.22
C HIS A 314 -14.80 -10.79 43.98
N GLY A 315 -14.40 -11.39 42.87
CA GLY A 315 -13.00 -11.48 42.50
C GLY A 315 -12.37 -10.13 42.22
N ASP A 316 -13.15 -9.20 41.67
CA ASP A 316 -12.67 -7.86 41.39
C ASP A 316 -12.52 -7.00 42.66
N PHE A 317 -13.37 -7.25 43.65
CA PHE A 317 -13.26 -6.55 44.93
C PHE A 317 -11.90 -6.80 45.57
N ILE A 318 -11.52 -8.06 45.70
CA ILE A 318 -10.22 -8.44 46.24
C ILE A 318 -9.08 -7.80 45.46
N ARG A 319 -9.10 -7.95 44.13
CA ARG A 319 -8.07 -7.37 43.26
C ARG A 319 -7.96 -5.85 43.40
N MET A 320 -9.09 -5.19 43.63
CA MET A 320 -9.11 -3.76 43.86
C MET A 320 -8.41 -3.41 45.17
N CYS A 321 -8.77 -4.13 46.23
CA CYS A 321 -8.15 -3.95 47.53
C CYS A 321 -6.64 -4.20 47.49
N THR A 322 -6.24 -5.23 46.73
CA THR A 322 -4.83 -5.51 46.47
C THR A 322 -4.19 -4.36 45.70
N ALA A 323 -4.90 -3.84 44.71
CA ALA A 323 -4.40 -2.73 43.90
C ALA A 323 -4.17 -1.49 44.75
N MET A 324 -5.13 -1.18 45.62
CA MET A 324 -5.03 -0.03 46.51
C MET A 324 -3.79 -0.13 47.39
N LYS A 325 -3.55 -1.32 47.93
CA LYS A 325 -2.40 -1.58 48.76
C LYS A 325 -1.10 -1.45 47.96
N LYS A 326 -1.12 -1.93 46.72
CA LYS A 326 0.05 -1.88 45.86
C LYS A 326 0.45 -0.47 45.44
N ILE A 327 -0.51 0.44 45.35
CA ILE A 327 -0.24 1.79 44.85
C ILE A 327 -0.01 2.82 45.95
N GLY A 328 -0.25 2.44 47.20
CA GLY A 328 0.04 3.30 48.34
C GLY A 328 -1.13 3.74 49.21
N LEU A 329 -2.34 3.28 48.87
CA LEU A 329 -3.54 3.64 49.63
C LEU A 329 -3.63 2.87 50.93
N ASP A 330 -3.68 3.61 52.04
CA ASP A 330 -3.85 3.00 53.35
C ASP A 330 -5.30 2.58 53.57
N ASP A 331 -5.52 1.76 54.59
CA ASP A 331 -6.86 1.29 54.97
C ASP A 331 -7.82 2.43 55.31
N GLU A 332 -7.28 3.51 55.87
CA GLU A 332 -8.07 4.69 56.23
C GLU A 332 -8.75 5.25 54.99
N GLU A 333 -7.99 5.40 53.90
CA GLU A 333 -8.51 5.94 52.65
C GLU A 333 -9.46 4.96 51.94
N LYS A 334 -9.10 3.69 51.94
CA LYS A 334 -10.00 2.64 51.44
C LYS A 334 -11.37 2.75 52.11
N LEU A 335 -11.37 2.81 53.43
CA LEU A 335 -12.59 2.89 54.22
C LEU A 335 -13.34 4.20 53.99
N ASP A 336 -12.60 5.30 53.82
CA ASP A 336 -13.21 6.60 53.49
C ASP A 336 -13.98 6.51 52.18
N LEU A 337 -13.34 5.95 51.16
CA LEU A 337 -13.95 5.75 49.85
C LEU A 337 -15.26 4.97 49.97
N PHE A 338 -15.21 3.83 50.67
CA PHE A 338 -16.35 2.95 50.82
C PHE A 338 -17.49 3.62 51.58
N ARG A 339 -17.13 4.49 52.52
CA ARG A 339 -18.10 5.18 53.36
C ARG A 339 -18.92 6.18 52.54
N VAL A 340 -18.26 6.84 51.58
CA VAL A 340 -18.93 7.76 50.67
C VAL A 340 -19.85 7.01 49.71
N VAL A 341 -19.34 5.91 49.12
CA VAL A 341 -20.11 5.03 48.24
C VAL A 341 -21.45 4.63 48.89
N ALA A 342 -21.39 4.10 50.10
CA ALA A 342 -22.58 3.68 50.85
C ALA A 342 -23.47 4.86 51.22
N GLY A 343 -22.85 5.99 51.53
CA GLY A 343 -23.58 7.21 51.85
C GLY A 343 -24.45 7.65 50.69
N VAL A 344 -23.87 7.57 49.49
CA VAL A 344 -24.59 7.89 48.25
C VAL A 344 -25.71 6.89 48.00
N LEU A 345 -25.46 5.62 48.26
CA LEU A 345 -26.50 4.60 48.17
C LEU A 345 -27.68 4.93 49.08
N HIS A 346 -27.40 5.18 50.36
CA HIS A 346 -28.46 5.44 51.35
C HIS A 346 -29.26 6.71 51.04
N LEU A 347 -28.57 7.73 50.49
CA LEU A 347 -29.20 8.96 50.02
C LEU A 347 -30.40 8.67 49.10
N GLY A 348 -30.20 7.77 48.15
CA GLY A 348 -31.23 7.40 47.20
C GLY A 348 -32.45 6.70 47.76
N ASN A 349 -32.31 6.12 48.96
CA ASN A 349 -33.44 5.45 49.63
C ASN A 349 -34.35 6.41 50.39
N ILE A 350 -34.14 7.71 50.22
CA ILE A 350 -34.96 8.73 50.87
C ILE A 350 -36.13 9.16 49.97
N ASP A 351 -37.34 8.83 50.40
CA ASP A 351 -38.56 9.18 49.67
C ASP A 351 -39.26 10.40 50.26
N PHE A 352 -40.18 10.98 49.50
CA PHE A 352 -40.90 12.19 49.92
C PHE A 352 -42.39 12.10 49.65
N GLU A 353 -43.18 12.66 50.55
CA GLU A 353 -44.64 12.69 50.43
C GLU A 353 -45.17 14.04 50.89
N GLU A 354 -46.32 14.44 50.37
CA GLU A 354 -46.98 15.68 50.80
C GLU A 354 -48.24 15.36 51.61
N CYS A 362 -43.20 19.65 50.96
CA CYS A 362 -43.28 18.21 51.17
C CYS A 362 -42.48 17.76 52.39
N ASN A 363 -42.62 16.49 52.75
CA ASN A 363 -41.93 15.92 53.91
C ASN A 363 -41.39 14.54 53.62
N LEU A 364 -40.35 14.14 54.37
CA LEU A 364 -39.78 12.82 54.26
C LEU A 364 -40.78 11.78 54.77
N LYS A 365 -40.98 10.71 53.99
CA LYS A 365 -41.85 9.62 54.40
C LYS A 365 -41.30 8.92 55.64
N ASN A 366 -42.20 8.41 56.47
CA ASN A 366 -41.83 7.75 57.74
C ASN A 366 -40.86 6.56 57.55
N LYS A 367 -41.07 5.78 56.49
CA LYS A 367 -40.26 4.58 56.22
C LYS A 367 -38.80 4.92 55.95
N SER A 368 -38.57 6.07 55.32
CA SER A 368 -37.24 6.51 54.92
C SER A 368 -36.45 7.20 56.04
N THR A 369 -36.91 7.03 57.27
CA THR A 369 -36.25 7.55 58.46
C THR A 369 -34.87 6.93 58.61
N GLN A 370 -34.82 5.60 58.53
CA GLN A 370 -33.58 4.84 58.63
C GLN A 370 -32.56 5.27 57.57
N ALA A 371 -33.04 5.51 56.35
CA ALA A 371 -32.18 5.93 55.23
C ALA A 371 -31.51 7.26 55.51
N LEU A 372 -32.27 8.19 56.09
CA LEU A 372 -31.77 9.52 56.45
C LEU A 372 -30.68 9.43 57.52
N GLU A 373 -30.91 8.58 58.52
CA GLU A 373 -29.93 8.35 59.60
C GLU A 373 -28.63 7.83 59.04
N TYR A 374 -28.70 6.76 58.25
CA TYR A 374 -27.51 6.11 57.70
C TYR A 374 -26.75 7.03 56.76
N CYS A 375 -27.48 7.73 55.89
CA CYS A 375 -26.86 8.66 54.96
C CYS A 375 -26.17 9.81 55.67
N ALA A 376 -26.88 10.46 56.59
CA ALA A 376 -26.34 11.58 57.35
C ALA A 376 -25.08 11.18 58.11
N GLU A 377 -25.06 9.96 58.63
CA GLU A 377 -23.93 9.47 59.40
C GLU A 377 -22.71 9.16 58.52
N LEU A 378 -22.96 8.48 57.40
CA LEU A 378 -21.88 8.10 56.47
C LEU A 378 -21.27 9.29 55.74
N LEU A 379 -22.07 10.34 55.54
CA LEU A 379 -21.59 11.55 54.87
C LEU A 379 -21.19 12.65 55.87
N GLY A 380 -21.17 12.31 57.15
CA GLY A 380 -20.80 13.25 58.23
C GLY A 380 -21.69 14.47 58.31
N LEU A 381 -23.00 14.25 58.19
CA LEU A 381 -23.97 15.33 58.21
C LEU A 381 -24.93 15.26 59.38
N ASP A 382 -25.46 16.41 59.76
CA ASP A 382 -26.55 16.49 60.72
C ASP A 382 -27.85 16.10 60.02
N GLN A 383 -28.62 15.20 60.65
CA GLN A 383 -29.89 14.73 60.10
C GLN A 383 -30.84 15.87 59.76
N ASP A 384 -31.05 16.78 60.70
CA ASP A 384 -31.94 17.91 60.47
C ASP A 384 -31.51 18.76 59.29
N ASP A 385 -30.20 19.00 59.18
CA ASP A 385 -29.64 19.73 58.05
C ASP A 385 -29.87 19.01 56.72
N LEU A 386 -29.68 17.69 56.70
CA LEU A 386 -29.93 16.91 55.49
C LEU A 386 -31.40 16.98 55.11
N ARG A 387 -32.27 16.71 56.08
CA ARG A 387 -33.72 16.75 55.90
C ARG A 387 -34.21 18.08 55.34
N VAL A 388 -33.66 19.19 55.85
CA VAL A 388 -34.09 20.53 55.43
C VAL A 388 -33.60 20.89 54.03
N SER A 389 -32.35 20.53 53.73
CA SER A 389 -31.71 20.83 52.43
C SER A 389 -32.34 20.08 51.26
N LEU A 390 -32.86 18.89 51.53
CA LEU A 390 -33.57 18.12 50.51
C LEU A 390 -35.04 18.52 50.39
N THR A 391 -35.57 19.18 51.42
CA THR A 391 -37.00 19.43 51.55
C THR A 391 -37.42 20.89 51.29
N THR A 392 -36.48 21.83 51.44
CA THR A 392 -36.78 23.25 51.29
C THR A 392 -35.79 23.94 50.33
N ARG A 393 -36.27 24.98 49.65
CA ARG A 393 -35.45 25.75 48.71
C ARG A 393 -35.06 27.11 49.27
N VAL A 394 -33.80 27.49 49.07
CA VAL A 394 -33.26 28.76 49.55
C VAL A 394 -32.20 29.32 48.61
N LYS A 408 -36.33 31.31 50.54
CA LYS A 408 -36.47 30.37 51.67
C LYS A 408 -37.88 29.78 51.70
N VAL A 409 -38.17 28.88 50.77
CA VAL A 409 -39.51 28.31 50.59
C VAL A 409 -39.48 26.79 50.35
N PRO A 410 -40.51 26.06 50.85
CA PRO A 410 -40.59 24.59 50.78
C PRO A 410 -40.69 24.01 49.35
N LEU A 411 -40.37 22.73 49.20
CA LEU A 411 -40.30 22.08 47.88
C LEU A 411 -41.38 21.03 47.68
N LYS A 412 -41.77 20.85 46.41
CA LYS A 412 -42.70 19.78 46.01
C LYS A 412 -41.98 18.44 45.93
N VAL A 413 -42.76 17.36 46.00
CA VAL A 413 -42.22 16.00 46.01
C VAL A 413 -41.15 15.75 44.93
N GLU A 414 -41.46 16.13 43.70
CA GLU A 414 -40.56 15.91 42.55
C GLU A 414 -39.27 16.74 42.64
N GLN A 415 -39.37 17.91 43.24
CA GLN A 415 -38.21 18.79 43.41
C GLN A 415 -37.25 18.27 44.49
N ALA A 416 -37.81 17.58 45.49
CA ALA A 416 -37.02 16.99 46.55
C ALA A 416 -36.21 15.83 45.96
N ASN A 417 -36.84 15.06 45.08
CA ASN A 417 -36.16 14.05 44.29
C ASN A 417 -35.00 14.64 43.51
N ASN A 418 -35.23 15.74 42.81
CA ASN A 418 -34.18 16.45 42.08
C ASN A 418 -33.04 16.95 42.96
N ALA A 419 -33.37 17.32 44.20
CA ALA A 419 -32.37 17.72 45.19
C ALA A 419 -31.55 16.51 45.63
N ARG A 420 -32.25 15.44 46.00
CA ARG A 420 -31.64 14.20 46.44
C ARG A 420 -30.66 13.66 45.40
N ASP A 421 -31.12 13.57 44.16
CA ASP A 421 -30.33 13.02 43.07
C ASP A 421 -29.16 13.93 42.71
N ALA A 422 -29.38 15.24 42.75
CA ALA A 422 -28.33 16.21 42.43
C ALA A 422 -27.19 16.15 43.44
N LEU A 423 -27.52 15.99 44.71
CA LEU A 423 -26.51 15.80 45.75
C LEU A 423 -25.70 14.53 45.50
N ALA A 424 -26.41 13.45 45.16
CA ALA A 424 -25.78 12.16 44.87
C ALA A 424 -24.84 12.22 43.67
N LYS A 425 -25.27 12.95 42.64
CA LYS A 425 -24.45 13.12 41.44
C LYS A 425 -23.18 13.93 41.70
N THR A 426 -23.28 14.99 42.51
CA THR A 426 -22.10 15.81 42.83
C THR A 426 -21.14 15.07 43.76
N VAL A 427 -21.68 14.44 44.79
CA VAL A 427 -20.85 13.68 45.73
C VAL A 427 -20.05 12.61 44.99
N TYR A 428 -20.75 11.74 44.26
CA TYR A 428 -20.08 10.67 43.51
C TYR A 428 -19.11 11.20 42.47
N SER A 429 -19.46 12.29 41.81
CA SER A 429 -18.60 12.89 40.81
C SER A 429 -17.29 13.39 41.44
N HIS A 430 -17.41 14.09 42.57
CA HIS A 430 -16.24 14.61 43.28
C HIS A 430 -15.39 13.49 43.87
N LEU A 431 -16.06 12.43 44.33
CA LEU A 431 -15.38 11.21 44.75
C LEU A 431 -14.54 10.63 43.62
N PHE A 432 -15.10 10.61 42.41
CA PHE A 432 -14.38 10.11 41.25
C PHE A 432 -13.17 11.00 40.94
N ASP A 433 -13.38 12.31 40.84
CA ASP A 433 -12.28 13.27 40.69
C ASP A 433 -11.16 12.97 41.68
N HIS A 434 -11.53 12.75 42.93
CA HIS A 434 -10.58 12.43 43.98
C HIS A 434 -9.83 11.12 43.75
N VAL A 435 -10.53 10.10 43.23
CA VAL A 435 -9.90 8.82 42.92
C VAL A 435 -8.82 8.95 41.85
N VAL A 436 -9.13 9.61 40.73
CA VAL A 436 -8.11 9.79 39.69
C VAL A 436 -6.96 10.67 40.20
N ASN A 437 -7.31 11.67 41.01
CA ASN A 437 -6.30 12.54 41.62
C ASN A 437 -5.40 11.76 42.57
N ARG A 438 -6.00 10.86 43.33
CA ARG A 438 -5.27 9.97 44.23
C ARG A 438 -4.36 9.02 43.45
N VAL A 439 -4.82 8.61 42.27
CA VAL A 439 -4.03 7.75 41.39
C VAL A 439 -2.84 8.52 40.82
N ASN A 440 -3.06 9.77 40.40
CA ASN A 440 -1.96 10.60 39.91
C ASN A 440 -0.86 10.83 40.95
N GLN A 441 -1.23 10.78 42.23
CA GLN A 441 -0.30 10.95 43.34
C GLN A 441 0.55 9.72 43.63
N CYS A 442 0.22 8.59 43.01
CA CYS A 442 1.00 7.35 43.14
C CYS A 442 2.28 7.39 42.33
N PHE A 443 2.23 8.04 41.17
CA PHE A 443 3.35 8.08 40.26
C PHE A 443 3.62 9.52 39.80
N PRO A 444 3.89 10.42 40.77
CA PRO A 444 4.19 11.80 40.38
C PRO A 444 5.63 11.93 39.88
N PHE A 445 5.91 13.02 39.18
CA PHE A 445 7.24 13.27 38.65
C PHE A 445 7.57 14.75 38.77
N GLU A 446 8.80 15.04 39.18
CA GLU A 446 9.25 16.42 39.31
C GLU A 446 9.37 17.07 37.93
N THR A 447 10.19 16.48 37.06
CA THR A 447 10.38 16.98 35.69
C THR A 447 10.43 15.82 34.71
N SER A 448 9.98 16.07 33.48
CA SER A 448 10.03 15.09 32.43
C SER A 448 10.55 15.73 31.15
N SER A 449 11.01 14.91 30.21
CA SER A 449 11.49 15.39 28.92
C SER A 449 10.42 15.22 27.84
N TYR A 450 9.84 14.03 27.78
CA TYR A 450 8.84 13.69 26.79
C TYR A 450 7.81 12.77 27.41
N PHE A 451 6.67 12.63 26.76
CA PHE A 451 5.68 11.65 27.18
C PHE A 451 5.21 10.80 26.02
N ILE A 452 4.71 9.60 26.35
CA ILE A 452 3.89 8.83 25.44
C ILE A 452 2.51 8.77 26.08
N GLY A 453 1.52 9.31 25.37
CA GLY A 453 0.15 9.34 25.89
C GLY A 453 -0.75 8.37 25.15
N VAL A 454 -1.64 7.72 25.87
CA VAL A 454 -2.58 6.76 25.29
C VAL A 454 -4.00 7.24 25.51
N LEU A 455 -4.73 7.44 24.42
CA LEU A 455 -6.09 7.97 24.50
C LEU A 455 -7.15 6.88 24.46
N ASP A 456 -8.01 6.87 25.49
CA ASP A 456 -9.08 5.90 25.61
C ASP A 456 -10.41 6.60 25.91
N ILE A 457 -11.08 7.05 24.86
CA ILE A 457 -12.40 7.69 24.98
C ILE A 457 -13.51 6.65 25.10
N ALA A 458 -14.67 7.09 25.61
CA ALA A 458 -15.87 6.26 25.59
C ALA A 458 -16.26 6.01 24.14
N GLY A 459 -16.59 4.76 23.82
CA GLY A 459 -16.88 4.36 22.46
C GLY A 459 -18.24 4.78 21.95
N PHE A 460 -18.29 5.15 20.67
CA PHE A 460 -19.54 5.43 19.96
C PHE A 460 -20.63 4.45 20.38
N GLU A 461 -21.77 5.00 20.82
CA GLU A 461 -22.89 4.18 21.26
C GLU A 461 -24.24 4.82 20.92
N TYR A 462 -25.26 3.97 20.83
CA TYR A 462 -26.63 4.37 20.57
C TYR A 462 -27.57 3.28 21.05
N PHE A 463 -28.76 3.67 21.50
CA PHE A 463 -29.73 2.73 22.06
C PHE A 463 -31.13 3.06 21.55
N GLU A 464 -32.13 2.33 22.04
CA GLU A 464 -33.52 2.62 21.70
C GLU A 464 -33.85 4.09 22.01
N HIS A 465 -33.44 4.54 23.19
CA HIS A 465 -33.58 5.94 23.56
C HIS A 465 -32.20 6.54 23.80
N ASN A 466 -31.91 7.64 23.08
CA ASN A 466 -30.63 8.32 23.18
C ASN A 466 -30.79 9.70 23.80
N SER A 467 -29.95 9.99 24.79
CA SER A 467 -30.00 11.26 25.49
C SER A 467 -28.66 11.98 25.45
N PHE A 468 -28.53 13.00 26.30
CA PHE A 468 -27.36 13.89 26.35
C PHE A 468 -26.03 13.16 26.58
N GLU A 469 -26.12 11.99 27.23
CA GLU A 469 -24.97 11.13 27.48
C GLU A 469 -24.40 10.59 26.18
N GLN A 470 -25.27 10.01 25.34
CA GLN A 470 -24.88 9.51 24.03
C GLN A 470 -24.38 10.65 23.15
N PHE A 471 -25.03 11.81 23.27
CA PHE A 471 -24.67 12.98 22.48
C PHE A 471 -23.26 13.45 22.77
N CYS A 472 -22.90 13.52 24.04
CA CYS A 472 -21.56 13.94 24.45
C CYS A 472 -20.51 12.91 24.05
N ILE A 473 -20.83 11.62 24.26
CA ILE A 473 -19.92 10.52 23.92
C ILE A 473 -19.66 10.46 22.40
N ASN A 474 -20.73 10.57 21.61
CA ASN A 474 -20.60 10.48 20.16
C ASN A 474 -19.95 11.72 19.56
N TYR A 475 -20.12 12.85 20.24
CA TYR A 475 -19.45 14.09 19.85
C TYR A 475 -17.95 13.94 19.99
N CYS A 476 -17.52 13.41 21.13
CA CYS A 476 -16.12 13.12 21.37
C CYS A 476 -15.55 12.16 20.32
N ASN A 477 -16.34 11.15 19.94
CA ASN A 477 -15.97 10.22 18.87
C ASN A 477 -15.79 10.89 17.51
N GLU A 478 -16.60 11.92 17.21
CA GLU A 478 -16.46 12.70 15.96
C GLU A 478 -15.12 13.42 15.92
N LYS A 479 -14.72 13.98 17.06
CA LYS A 479 -13.50 14.76 17.15
C LYS A 479 -12.27 13.89 16.91
N LEU A 480 -12.28 12.69 17.49
CA LEU A 480 -11.20 11.73 17.29
C LEU A 480 -11.07 11.34 15.82
N GLN A 481 -12.19 11.01 15.18
CA GLN A 481 -12.18 10.66 13.77
C GLN A 481 -11.65 11.81 12.91
N GLN A 482 -11.99 13.05 13.31
CA GLN A 482 -11.49 14.22 12.61
C GLN A 482 -9.98 14.35 12.72
N PHE A 483 -9.44 14.03 13.90
CA PHE A 483 -8.00 14.04 14.10
C PHE A 483 -7.32 12.97 13.24
N PHE A 484 -7.93 11.79 13.15
CA PHE A 484 -7.42 10.75 12.27
C PHE A 484 -7.47 11.23 10.81
N ASN A 485 -8.60 11.79 10.40
CA ASN A 485 -8.72 12.40 9.07
C ASN A 485 -7.67 13.46 8.85
N GLU A 486 -7.48 14.33 9.84
CA GLU A 486 -6.54 15.44 9.74
C GLU A 486 -5.11 14.94 9.58
N ARG A 487 -4.73 13.96 10.39
CA ARG A 487 -3.35 13.51 10.45
C ARG A 487 -3.02 12.49 9.34
N ILE A 488 -3.93 11.55 9.10
CA ILE A 488 -3.64 10.42 8.20
C ILE A 488 -4.11 10.61 6.76
N LEU A 489 -5.17 11.40 6.56
CA LEU A 489 -5.76 11.54 5.23
C LEU A 489 -5.56 12.91 4.61
N LYS A 490 -5.62 13.97 5.41
CA LYS A 490 -5.41 15.32 4.91
C LYS A 490 -3.93 15.67 4.80
N GLU A 491 -3.22 15.63 5.92
CA GLU A 491 -1.81 16.04 5.96
C GLU A 491 -0.86 15.13 5.19
N GLU A 492 -1.16 13.84 5.17
CA GLU A 492 -0.36 12.89 4.40
C GLU A 492 -0.34 13.25 2.91
N GLN A 493 -1.52 13.57 2.37
CA GLN A 493 -1.64 13.88 0.95
C GLN A 493 -1.12 15.28 0.62
N GLU A 494 -1.22 16.19 1.59
CA GLU A 494 -0.64 17.52 1.46
C GLU A 494 0.89 17.43 1.42
N LEU A 495 1.43 16.43 2.13
CA LEU A 495 2.87 16.18 2.14
C LEU A 495 3.34 15.65 0.79
N TYR A 496 2.68 14.61 0.29
CA TYR A 496 2.97 14.07 -1.04
C TYR A 496 2.99 15.16 -2.11
N GLN A 497 2.01 16.05 -2.06
CA GLN A 497 1.86 17.12 -3.04
C GLN A 497 2.91 18.23 -2.91
N LYS A 498 3.14 18.68 -1.67
CA LYS A 498 4.17 19.68 -1.40
C LYS A 498 5.55 19.19 -1.82
N GLU A 499 5.73 17.86 -1.79
CA GLU A 499 6.99 17.21 -2.15
C GLU A 499 7.04 16.75 -3.61
N GLY A 500 5.95 16.96 -4.34
CA GLY A 500 5.83 16.62 -5.76
C GLY A 500 5.83 15.14 -6.13
N LEU A 501 5.33 14.28 -5.25
CA LEU A 501 5.38 12.82 -5.44
C LEU A 501 4.44 12.29 -6.52
N GLY A 502 3.36 13.00 -6.79
CA GLY A 502 2.38 12.58 -7.79
C GLY A 502 1.65 11.33 -7.38
N VAL A 503 1.25 11.29 -6.11
CA VAL A 503 0.45 10.19 -5.58
C VAL A 503 -1.01 10.48 -5.88
N ASN A 504 -1.71 9.50 -6.46
CA ASN A 504 -3.13 9.64 -6.75
C ASN A 504 -3.90 10.08 -5.52
N GLU A 505 -4.60 11.20 -5.65
CA GLU A 505 -5.46 11.73 -4.60
C GLU A 505 -6.54 10.73 -4.20
N VAL A 506 -6.76 10.61 -2.90
CA VAL A 506 -7.89 9.86 -2.39
C VAL A 506 -8.88 10.81 -1.73
N HIS A 507 -10.08 10.86 -2.31
CA HIS A 507 -11.18 11.65 -1.75
C HIS A 507 -11.99 10.81 -0.76
N TYR A 508 -12.62 11.49 0.18
CA TYR A 508 -13.41 10.86 1.23
C TYR A 508 -14.36 11.90 1.79
N VAL A 509 -15.40 11.47 2.47
CA VAL A 509 -16.31 12.41 3.10
C VAL A 509 -15.74 12.81 4.47
N ASP A 510 -15.48 14.10 4.63
CA ASP A 510 -14.97 14.64 5.89
C ASP A 510 -16.11 14.87 6.88
N ASN A 511 -15.77 14.92 8.17
CA ASN A 511 -16.78 15.10 9.21
C ASN A 511 -16.65 16.41 10.02
N GLN A 512 -15.81 17.33 9.54
CA GLN A 512 -15.67 18.63 10.19
C GLN A 512 -17.00 19.38 10.27
N ASP A 513 -17.82 19.25 9.22
CA ASP A 513 -19.16 19.85 9.21
C ASP A 513 -19.99 19.36 10.41
N CYS A 514 -19.89 18.07 10.71
CA CYS A 514 -20.56 17.48 11.86
C CYS A 514 -20.06 18.06 13.16
N ILE A 515 -18.76 18.37 13.21
CA ILE A 515 -18.16 18.99 14.37
C ILE A 515 -18.55 20.48 14.43
N ASP A 516 -18.53 21.15 13.29
CA ASP A 516 -18.98 22.54 13.20
C ASP A 516 -20.41 22.69 13.73
N LEU A 517 -21.29 21.76 13.36
CA LEU A 517 -22.69 21.78 13.80
C LEU A 517 -22.80 21.82 15.31
N ILE A 518 -21.84 21.22 16.00
CA ILE A 518 -21.91 21.06 17.44
C ILE A 518 -21.23 22.18 18.20
N GLU A 519 -20.02 22.56 17.79
CA GLU A 519 -19.20 23.47 18.59
C GLU A 519 -19.03 24.89 18.04
N ALA A 520 -19.66 25.19 16.91
CA ALA A 520 -19.55 26.53 16.31
C ALA A 520 -20.05 27.62 17.25
N ARG A 521 -19.41 28.78 17.17
CA ARG A 521 -19.77 29.96 17.97
C ARG A 521 -21.16 30.45 17.56
N LEU A 522 -21.97 30.81 18.57
CA LEU A 522 -23.36 31.30 18.40
C LEU A 522 -24.35 30.28 17.85
N VAL A 523 -24.01 29.64 16.74
CA VAL A 523 -24.95 28.80 15.99
C VAL A 523 -24.88 27.30 16.32
N GLY A 524 -23.79 26.87 16.93
CA GLY A 524 -23.60 25.47 17.30
C GLY A 524 -24.58 24.97 18.36
N ILE A 525 -24.80 23.67 18.40
CA ILE A 525 -25.79 23.08 19.31
C ILE A 525 -25.46 23.35 20.78
N LEU A 526 -24.18 23.30 21.13
CA LEU A 526 -23.72 23.52 22.51
C LEU A 526 -23.98 24.96 22.95
N ASP A 527 -23.75 25.91 22.04
CA ASP A 527 -23.97 27.32 22.34
C ASP A 527 -25.45 27.70 22.38
N ILE A 528 -26.24 27.05 21.54
CA ILE A 528 -27.68 27.24 21.54
C ILE A 528 -28.28 26.63 22.81
N LEU A 529 -27.70 25.53 23.26
CA LEU A 529 -28.10 24.89 24.51
C LEU A 529 -27.77 25.78 25.71
N ASP A 530 -26.58 26.38 25.69
CA ASP A 530 -26.13 27.25 26.76
C ASP A 530 -27.05 28.47 26.87
N GLU A 531 -27.39 29.05 25.72
CA GLU A 531 -28.39 30.11 25.65
C GLU A 531 -29.70 29.73 26.33
N GLU A 532 -30.20 28.53 26.02
CA GLU A 532 -31.42 28.03 26.64
C GLU A 532 -31.35 28.04 28.17
N ASN A 533 -30.24 27.55 28.71
CA ASN A 533 -29.99 27.56 30.16
C ASN A 533 -29.97 28.98 30.74
N ARG A 534 -29.63 29.95 29.89
CA ARG A 534 -29.47 31.35 30.30
C ARG A 534 -30.77 32.16 30.38
N LEU A 535 -31.71 31.87 29.47
CA LEU A 535 -32.95 32.65 29.39
C LEU A 535 -33.95 32.32 30.51
N PRO A 536 -34.86 33.27 30.82
CA PRO A 536 -35.64 33.24 32.08
C PRO A 536 -36.41 31.95 32.33
N GLN A 537 -36.99 31.37 31.28
CA GLN A 537 -37.78 30.16 31.42
C GLN A 537 -37.40 29.09 30.38
N PRO A 538 -36.29 28.36 30.64
CA PRO A 538 -35.69 27.39 29.71
C PRO A 538 -36.63 26.28 29.24
N SER A 539 -36.47 25.86 27.99
CA SER A 539 -37.30 24.82 27.39
C SER A 539 -36.50 23.92 26.44
N ASP A 540 -36.60 22.61 26.65
CA ASP A 540 -35.99 21.63 25.76
C ASP A 540 -36.44 21.85 24.32
N GLN A 541 -37.75 22.03 24.13
CA GLN A 541 -38.32 22.21 22.78
C GLN A 541 -37.95 23.53 22.12
N HIS A 542 -37.85 24.59 22.91
CA HIS A 542 -37.38 25.88 22.40
C HIS A 542 -35.93 25.75 21.91
N PHE A 543 -35.11 25.04 22.70
CA PHE A 543 -33.75 24.68 22.31
C PHE A 543 -33.75 23.85 21.02
N THR A 544 -34.53 22.78 21.01
CA THR A 544 -34.57 21.86 19.87
C THR A 544 -35.02 22.55 18.58
N SER A 545 -36.08 23.37 18.69
CA SER A 545 -36.57 24.20 17.57
C SER A 545 -35.48 25.11 17.03
N ALA A 546 -34.72 25.70 17.95
CA ALA A 546 -33.67 26.64 17.58
C ALA A 546 -32.55 25.95 16.79
N VAL A 547 -32.21 24.73 17.20
CA VAL A 547 -31.21 23.91 16.52
C VAL A 547 -31.63 23.70 15.07
N HIS A 548 -32.85 23.20 14.86
CA HIS A 548 -33.39 22.97 13.52
C HIS A 548 -33.48 24.25 12.68
N GLN A 549 -34.03 25.31 13.27
CA GLN A 549 -34.21 26.59 12.56
C GLN A 549 -32.89 27.20 12.10
N LYS A 550 -31.84 27.03 12.91
CA LYS A 550 -30.55 27.66 12.64
C LYS A 550 -29.63 26.81 11.74
N HIS A 551 -30.14 25.65 11.31
CA HIS A 551 -29.42 24.78 10.37
C HIS A 551 -30.43 24.15 9.43
N LYS A 552 -31.09 25.01 8.64
CA LYS A 552 -32.26 24.63 7.83
C LYS A 552 -31.98 23.48 6.86
N ASP A 553 -31.05 23.71 5.93
CA ASP A 553 -30.59 22.65 5.05
C ASP A 553 -29.14 22.36 5.38
N HIS A 554 -28.93 21.38 6.26
CA HIS A 554 -27.61 20.97 6.72
C HIS A 554 -27.47 19.47 6.52
N PHE A 555 -26.34 19.06 5.95
CA PHE A 555 -26.08 17.66 5.60
C PHE A 555 -26.07 16.74 6.83
N ARG A 556 -25.74 17.31 7.98
CA ARG A 556 -25.55 16.53 9.19
C ARG A 556 -26.71 16.55 10.21
N LEU A 557 -27.75 17.32 9.92
CA LEU A 557 -28.89 17.45 10.83
C LEU A 557 -30.21 17.19 10.13
N SER A 558 -31.10 16.48 10.82
CA SER A 558 -32.45 16.27 10.33
C SER A 558 -33.46 16.10 11.48
N ILE A 559 -34.74 16.31 11.15
CA ILE A 559 -35.83 16.08 12.09
C ILE A 559 -36.06 14.57 12.24
N PRO A 560 -36.48 14.12 13.44
CA PRO A 560 -36.66 12.69 13.73
C PRO A 560 -37.62 11.96 12.80
N ARG A 561 -38.42 12.72 12.05
CA ARG A 561 -39.38 12.14 11.09
C ARG A 561 -38.71 11.53 9.87
N LYS A 562 -37.51 12.01 9.53
CA LYS A 562 -36.75 11.46 8.40
C LYS A 562 -35.93 10.22 8.77
N SER A 563 -36.14 9.68 9.98
CA SER A 563 -35.41 8.51 10.46
C SER A 563 -35.69 7.24 9.63
N LYS A 564 -34.67 6.38 9.51
CA LYS A 564 -34.79 5.12 8.78
C LYS A 564 -35.72 4.15 9.51
N LEU A 565 -35.46 3.92 10.80
CA LEU A 565 -36.34 3.13 11.66
C LEU A 565 -37.73 3.78 11.81
N ALA A 566 -38.74 2.93 11.95
CA ALA A 566 -40.10 3.40 12.23
C ALA A 566 -40.38 3.40 13.73
N ILE A 567 -39.45 2.84 14.50
CA ILE A 567 -39.58 2.73 15.95
C ILE A 567 -39.39 4.07 16.68
N HIS A 568 -39.07 5.12 15.92
CA HIS A 568 -38.82 6.45 16.46
C HIS A 568 -39.42 7.55 15.57
N ARG A 569 -40.51 7.25 14.88
CA ARG A 569 -41.11 8.17 13.90
C ARG A 569 -42.14 9.13 14.50
N ASN A 570 -42.69 8.76 15.66
CA ASN A 570 -43.69 9.59 16.34
C ASN A 570 -43.09 10.71 17.20
N ILE A 571 -41.78 10.92 17.08
CA ILE A 571 -41.09 11.99 17.79
C ILE A 571 -41.27 13.30 17.02
N ARG A 572 -41.77 14.32 17.70
CA ARG A 572 -42.03 15.61 17.08
C ARG A 572 -40.74 16.38 16.81
N ASP A 573 -40.81 17.34 15.90
CA ASP A 573 -39.65 18.14 15.46
C ASP A 573 -38.86 18.73 16.61
N ASP A 574 -39.55 19.13 17.67
CA ASP A 574 -38.91 19.81 18.79
C ASP A 574 -38.73 18.91 20.01
N GLU A 575 -38.84 17.60 19.79
CA GLU A 575 -38.62 16.62 20.84
C GLU A 575 -37.34 15.82 20.60
N GLY A 576 -36.63 16.16 19.53
CA GLY A 576 -35.36 15.53 19.21
C GLY A 576 -34.79 15.91 17.87
N PHE A 577 -33.59 15.43 17.59
CA PHE A 577 -32.95 15.58 16.29
C PHE A 577 -32.07 14.39 15.95
N ILE A 578 -31.75 14.27 14.66
CA ILE A 578 -30.84 13.24 14.18
C ILE A 578 -29.52 13.91 13.81
N ILE A 579 -28.41 13.37 14.32
CA ILE A 579 -27.10 13.74 13.81
C ILE A 579 -26.56 12.60 12.97
N ARG A 580 -26.17 12.91 11.74
CA ARG A 580 -25.56 11.93 10.85
C ARG A 580 -24.06 11.89 11.15
N HIS A 581 -23.72 11.14 12.18
CA HIS A 581 -22.34 10.92 12.59
C HIS A 581 -21.59 10.12 11.53
N PHE A 582 -20.26 10.27 11.50
CA PHE A 582 -19.40 9.50 10.60
C PHE A 582 -19.67 8.00 10.74
N ALA A 583 -19.98 7.57 11.97
CA ALA A 583 -20.23 6.16 12.27
C ALA A 583 -21.70 5.79 12.10
N GLY A 584 -22.52 6.75 11.68
CA GLY A 584 -23.93 6.48 11.39
C GLY A 584 -24.87 7.45 12.05
N ALA A 585 -26.05 7.61 11.44
CA ALA A 585 -27.08 8.51 11.97
C ALA A 585 -27.59 8.02 13.33
N VAL A 586 -27.65 8.95 14.28
CA VAL A 586 -28.15 8.65 15.62
C VAL A 586 -29.27 9.62 15.94
N CYS A 587 -30.40 9.08 16.39
CA CYS A 587 -31.56 9.89 16.71
C CYS A 587 -31.57 10.22 18.20
N TYR A 588 -31.58 11.51 18.52
CA TYR A 588 -31.58 11.95 19.91
C TYR A 588 -32.93 12.49 20.32
N GLU A 589 -33.41 12.00 21.45
CA GLU A 589 -34.54 12.62 22.14
C GLU A 589 -33.95 13.74 22.98
N THR A 590 -34.39 14.97 22.72
CA THR A 590 -33.81 16.14 23.40
C THR A 590 -34.47 16.51 24.72
N THR A 591 -35.35 15.64 25.21
CA THR A 591 -35.90 15.81 26.56
C THR A 591 -34.78 15.65 27.59
N GLN A 592 -34.75 16.57 28.55
CA GLN A 592 -33.74 16.57 29.62
C GLN A 592 -32.36 17.08 29.20
N PHE A 593 -32.23 17.57 27.96
CA PHE A 593 -30.96 18.17 27.52
C PHE A 593 -30.59 19.39 28.35
N VAL A 594 -31.54 20.28 28.58
CA VAL A 594 -31.28 21.51 29.33
C VAL A 594 -30.83 21.22 30.77
N GLU A 595 -31.61 20.41 31.49
CA GLU A 595 -31.27 20.04 32.86
C GLU A 595 -29.88 19.40 32.95
N LYS A 596 -29.56 18.54 31.98
CA LYS A 596 -28.30 17.82 31.97
C LYS A 596 -27.09 18.66 31.61
N ASN A 597 -27.32 19.74 30.86
CA ASN A 597 -26.25 20.66 30.47
C ASN A 597 -25.75 21.54 31.61
N ASN A 598 -26.48 21.53 32.73
CA ASN A 598 -26.08 22.34 33.87
C ASN A 598 -25.37 21.52 34.92
N ASP A 599 -24.12 21.90 35.18
CA ASP A 599 -23.27 21.18 36.12
C ASP A 599 -23.48 21.69 37.55
N ALA A 600 -23.96 22.92 37.67
CA ALA A 600 -24.01 23.62 38.95
C ALA A 600 -24.91 22.95 39.99
N LEU A 601 -24.52 23.09 41.25
CA LEU A 601 -25.28 22.60 42.39
C LEU A 601 -25.71 23.82 43.19
N HIS A 602 -26.96 23.86 43.67
CA HIS A 602 -27.45 25.03 44.39
C HIS A 602 -26.78 25.22 45.75
N MET A 603 -26.57 26.49 46.11
CA MET A 603 -25.88 26.90 47.34
C MET A 603 -26.25 26.09 48.59
N SER A 604 -27.53 25.85 48.82
CA SER A 604 -27.96 25.13 50.02
C SER A 604 -27.46 23.68 50.04
N LEU A 605 -27.40 23.05 48.87
CA LEU A 605 -26.84 21.71 48.74
C LEU A 605 -25.31 21.75 48.84
N GLU A 606 -24.69 22.70 48.17
CA GLU A 606 -23.23 22.89 48.20
C GLU A 606 -22.73 23.11 49.63
N SER A 607 -23.34 24.05 50.33
CA SER A 607 -23.00 24.35 51.73
C SER A 607 -23.13 23.13 52.64
N LEU A 608 -24.25 22.44 52.54
CA LEU A 608 -24.48 21.24 53.34
C LEU A 608 -23.26 20.32 53.30
N ILE A 609 -22.85 19.95 52.08
CA ILE A 609 -21.80 18.96 51.91
C ILE A 609 -20.37 19.50 52.18
N CYS A 610 -20.13 20.77 51.87
CA CYS A 610 -18.85 21.40 52.17
C CYS A 610 -18.57 21.50 53.66
N GLU A 611 -19.64 21.56 54.45
CA GLU A 611 -19.54 21.72 55.89
C GLU A 611 -19.77 20.42 56.65
N SER A 612 -19.53 19.30 55.96
CA SER A 612 -19.57 17.99 56.58
C SER A 612 -18.57 17.90 57.74
N ARG A 613 -18.92 17.16 58.78
CA ARG A 613 -18.04 17.00 59.93
C ARG A 613 -16.92 15.99 59.62
N ASP A 614 -16.99 15.42 58.43
CA ASP A 614 -16.01 14.47 57.94
C ASP A 614 -14.97 15.22 57.13
N LYS A 615 -13.72 15.13 57.55
CA LYS A 615 -12.60 15.80 56.88
C LYS A 615 -12.48 15.35 55.42
N PHE A 616 -12.62 14.06 55.19
CA PHE A 616 -12.51 13.48 53.86
C PHE A 616 -13.51 14.08 52.87
N ILE A 617 -14.74 14.30 53.32
CA ILE A 617 -15.81 14.84 52.49
C ILE A 617 -15.63 16.34 52.22
N ARG A 618 -15.10 17.08 53.19
CA ARG A 618 -14.77 18.49 52.98
C ARG A 618 -13.69 18.63 51.90
N GLU A 619 -12.72 17.72 51.94
CA GLU A 619 -11.60 17.74 50.99
C GLU A 619 -12.00 17.30 49.58
N LEU A 620 -13.16 16.67 49.46
CA LEU A 620 -13.74 16.31 48.17
C LEU A 620 -14.23 17.55 47.40
N PHE A 621 -14.40 18.65 48.12
CA PHE A 621 -14.93 19.87 47.52
C PHE A 621 -13.92 21.03 47.54
N GLU A 622 -12.64 20.66 47.58
CA GLU A 622 -11.50 21.58 47.49
C GLU A 622 -11.44 22.54 48.68
N SER A 639 -27.48 29.42 39.42
CA SER A 639 -26.47 29.69 38.40
C SER A 639 -26.32 28.54 37.41
N PHE A 640 -25.44 28.73 36.41
CA PHE A 640 -25.28 27.78 35.31
C PHE A 640 -23.82 27.53 34.94
N ILE A 641 -23.41 26.26 35.05
CA ILE A 641 -22.11 25.80 34.56
C ILE A 641 -22.34 24.82 33.42
N SER A 642 -21.86 25.18 32.23
CA SER A 642 -22.10 24.38 31.02
C SER A 642 -21.29 23.09 30.97
N VAL A 643 -22.00 21.96 30.93
CA VAL A 643 -21.38 20.65 30.80
C VAL A 643 -20.80 20.49 29.39
N GLY A 644 -21.58 20.91 28.40
CA GLY A 644 -21.16 20.83 27.00
C GLY A 644 -19.92 21.65 26.69
N ASN A 645 -19.92 22.92 27.10
CA ASN A 645 -18.79 23.79 26.80
C ASN A 645 -17.55 23.53 27.67
N LYS A 646 -17.75 22.95 28.85
CA LYS A 646 -16.62 22.49 29.67
C LYS A 646 -15.95 21.30 28.99
N PHE A 647 -16.76 20.44 28.41
CA PHE A 647 -16.32 19.27 27.65
C PHE A 647 -15.55 19.69 26.38
N LYS A 648 -16.12 20.62 25.63
CA LYS A 648 -15.50 21.14 24.41
C LYS A 648 -14.13 21.77 24.69
N THR A 649 -14.04 22.51 25.79
CA THR A 649 -12.79 23.15 26.18
C THR A 649 -11.74 22.09 26.53
N GLN A 650 -12.11 21.10 27.34
CA GLN A 650 -11.24 19.99 27.69
C GLN A 650 -10.73 19.24 26.46
N LEU A 651 -11.64 18.96 25.52
CA LEU A 651 -11.30 18.17 24.33
C LEU A 651 -10.43 18.94 23.33
N ASN A 652 -10.64 20.24 23.21
CA ASN A 652 -9.78 21.07 22.37
C ASN A 652 -8.38 21.25 22.95
N LEU A 653 -8.28 21.27 24.29
CA LEU A 653 -6.98 21.30 24.96
C LEU A 653 -6.25 19.96 24.77
N LEU A 654 -7.03 18.88 24.72
CA LEU A 654 -6.51 17.56 24.38
C LEU A 654 -6.04 17.57 22.93
N LEU A 655 -6.83 18.17 22.04
CA LEU A 655 -6.44 18.28 20.63
C LEU A 655 -5.13 19.05 20.44
N ASP A 656 -4.96 20.13 21.20
CA ASP A 656 -3.69 20.86 21.23
C ASP A 656 -2.51 19.96 21.63
N LYS A 657 -2.71 19.14 22.66
CA LYS A 657 -1.74 18.13 23.05
C LYS A 657 -1.42 17.21 21.89
N LEU A 658 -2.46 16.64 21.31
CA LEU A 658 -2.32 15.62 20.27
C LEU A 658 -1.62 16.17 19.02
N ARG A 659 -1.96 17.41 18.63
CA ARG A 659 -1.33 18.03 17.46
C ARG A 659 0.17 18.23 17.62
N SER A 660 0.62 18.40 18.86
CA SER A 660 2.03 18.62 19.15
C SER A 660 2.84 17.33 19.24
N THR A 661 2.18 16.17 19.21
CA THR A 661 2.88 14.89 19.29
C THR A 661 2.88 14.13 17.97
N GLY A 662 3.82 13.19 17.83
CA GLY A 662 3.75 12.16 16.78
C GLY A 662 2.63 11.21 17.18
N ALA A 663 1.82 10.80 16.22
CA ALA A 663 0.60 10.05 16.53
C ALA A 663 0.54 8.67 15.89
N SER A 664 0.10 7.70 16.67
CA SER A 664 -0.12 6.34 16.21
C SER A 664 -1.56 5.94 16.45
N PHE A 665 -2.07 5.08 15.58
CA PHE A 665 -3.47 4.71 15.59
C PHE A 665 -3.68 3.21 15.66
N ILE A 666 -4.55 2.80 16.57
CA ILE A 666 -5.01 1.43 16.67
C ILE A 666 -6.52 1.48 16.51
N ARG A 667 -7.02 0.87 15.44
CA ARG A 667 -8.44 0.91 15.12
C ARG A 667 -9.12 -0.39 15.58
N CYS A 668 -9.84 -0.30 16.69
CA CYS A 668 -10.54 -1.47 17.24
C CYS A 668 -11.88 -1.71 16.55
N ILE A 669 -12.19 -2.99 16.36
CA ILE A 669 -13.38 -3.42 15.63
C ILE A 669 -14.18 -4.40 16.48
N LYS A 670 -15.48 -4.17 16.58
CA LYS A 670 -16.37 -5.11 17.26
C LYS A 670 -16.89 -6.15 16.25
N PRO A 671 -16.60 -7.44 16.50
CA PRO A 671 -16.90 -8.50 15.53
C PRO A 671 -18.38 -8.84 15.40
N ASN A 672 -19.14 -8.63 16.47
CA ASN A 672 -20.56 -8.96 16.52
C ASN A 672 -21.25 -8.21 17.65
N LEU A 673 -22.53 -8.45 17.84
CA LEU A 673 -23.32 -7.72 18.82
C LEU A 673 -23.68 -8.54 20.07
N LYS A 674 -23.19 -9.77 20.16
CA LYS A 674 -23.60 -10.70 21.22
C LYS A 674 -22.47 -11.11 22.16
N MET A 675 -21.33 -10.40 22.06
CA MET A 675 -20.16 -10.66 22.91
C MET A 675 -19.64 -12.10 22.82
N THR A 676 -19.82 -12.73 21.67
CA THR A 676 -19.36 -14.09 21.46
C THR A 676 -18.01 -14.11 20.76
N SER A 677 -17.29 -15.22 20.92
CA SER A 677 -16.04 -15.43 20.22
C SER A 677 -16.30 -16.20 18.93
N HIS A 678 -15.38 -16.05 17.97
CA HIS A 678 -15.46 -16.72 16.67
C HIS A 678 -16.79 -16.51 15.94
N HIS A 679 -17.24 -15.26 15.90
CA HIS A 679 -18.44 -14.87 15.14
C HIS A 679 -18.20 -13.58 14.36
N PHE A 680 -17.47 -13.73 13.26
CA PHE A 680 -17.12 -12.62 12.39
C PHE A 680 -18.35 -12.21 11.56
N GLU A 681 -18.93 -11.06 11.88
CA GLU A 681 -20.07 -10.53 11.14
C GLU A 681 -19.62 -9.55 10.07
N GLY A 682 -19.35 -10.10 8.88
CA GLY A 682 -18.77 -9.34 7.77
C GLY A 682 -19.34 -7.97 7.54
N ALA A 683 -20.66 -7.86 7.50
CA ALA A 683 -21.32 -6.59 7.21
C ALA A 683 -21.04 -5.56 8.29
N GLN A 684 -21.16 -5.96 9.54
CA GLN A 684 -20.92 -5.08 10.70
C GLN A 684 -19.48 -4.60 10.76
N ILE A 685 -18.55 -5.50 10.48
CA ILE A 685 -17.12 -5.18 10.44
C ILE A 685 -16.79 -4.28 9.25
N LEU A 686 -17.41 -4.56 8.10
CA LEU A 686 -17.23 -3.73 6.90
C LEU A 686 -17.53 -2.24 7.11
N SER A 687 -18.68 -1.93 7.72
CA SER A 687 -19.01 -0.51 7.91
C SER A 687 -18.09 0.16 8.92
N GLN A 688 -17.63 -0.60 9.91
CA GLN A 688 -16.63 -0.10 10.84
C GLN A 688 -15.33 0.25 10.09
N LEU A 689 -14.93 -0.63 9.17
CA LEU A 689 -13.75 -0.38 8.33
C LEU A 689 -13.93 0.85 7.42
N GLN A 690 -15.14 1.05 6.91
CA GLN A 690 -15.46 2.19 6.07
C GLN A 690 -15.52 3.51 6.85
N CYS A 691 -16.29 3.51 7.94
CA CYS A 691 -16.47 4.70 8.76
C CYS A 691 -15.17 5.14 9.45
N SER A 692 -14.31 4.18 9.76
CA SER A 692 -13.03 4.47 10.41
C SER A 692 -12.08 5.20 9.47
N GLY A 693 -12.28 5.00 8.17
CA GLY A 693 -11.43 5.61 7.16
C GLY A 693 -10.36 4.66 6.67
N MET A 694 -10.34 3.45 7.22
CA MET A 694 -9.34 2.46 6.86
C MET A 694 -9.38 2.03 5.40
N VAL A 695 -10.58 1.98 4.84
CA VAL A 695 -10.76 1.73 3.41
C VAL A 695 -10.12 2.85 2.58
N SER A 696 -10.32 4.10 3.01
CA SER A 696 -9.69 5.25 2.36
C SER A 696 -8.17 5.16 2.46
N VAL A 697 -7.68 4.76 3.62
CA VAL A 697 -6.25 4.65 3.87
C VAL A 697 -5.61 3.56 3.01
N LEU A 698 -6.24 2.38 2.97
CA LEU A 698 -5.76 1.27 2.14
C LEU A 698 -5.64 1.73 0.68
N ASP A 699 -6.63 2.48 0.22
CA ASP A 699 -6.65 3.06 -1.13
C ASP A 699 -5.40 3.92 -1.36
N LEU A 700 -5.13 4.81 -0.43
CA LEU A 700 -3.98 5.72 -0.51
C LEU A 700 -2.66 4.95 -0.55
N MET A 701 -2.60 3.83 0.18
CA MET A 701 -1.37 3.07 0.28
C MET A 701 -1.04 2.29 -0.98
N GLN A 702 -1.96 2.27 -1.94
CA GLN A 702 -1.67 1.70 -3.27
C GLN A 702 -0.48 2.42 -3.89
N GLY A 703 -0.35 3.71 -3.60
CA GLY A 703 0.76 4.51 -4.11
C GLY A 703 1.40 5.40 -3.07
N GLY A 704 1.00 5.23 -1.80
CA GLY A 704 1.51 6.04 -0.70
C GLY A 704 2.85 5.62 -0.15
N PHE A 705 3.39 6.41 0.76
CA PHE A 705 4.71 6.20 1.35
C PHE A 705 4.68 6.49 2.85
N PRO A 706 4.55 5.45 3.69
CA PRO A 706 4.44 5.68 5.14
C PRO A 706 5.74 6.02 5.88
N SER A 707 6.89 5.77 5.26
CA SER A 707 8.19 6.14 5.84
C SER A 707 8.87 7.25 5.05
N ARG A 708 9.43 8.23 5.76
CA ARG A 708 10.13 9.35 5.12
C ARG A 708 11.15 10.02 6.03
N ALA A 709 12.17 10.61 5.41
CA ALA A 709 13.22 11.32 6.14
C ALA A 709 13.66 12.53 5.32
N SER A 710 14.18 13.55 6.00
CA SER A 710 14.84 14.66 5.34
C SER A 710 16.11 14.19 4.67
N PHE A 711 16.19 14.38 3.35
CA PHE A 711 17.36 14.00 2.55
C PHE A 711 18.66 14.66 3.04
N HIS A 712 18.59 15.95 3.31
CA HIS A 712 19.72 16.72 3.81
C HIS A 712 20.23 16.16 5.14
N GLU A 713 19.30 15.77 6.01
CA GLU A 713 19.63 15.28 7.34
C GLU A 713 20.25 13.88 7.25
N LEU A 714 19.64 13.05 6.41
CA LEU A 714 20.08 11.68 6.19
C LEU A 714 21.48 11.60 5.59
N TYR A 715 21.73 12.43 4.57
CA TYR A 715 23.02 12.42 3.89
C TYR A 715 24.13 12.91 4.81
N ASN A 716 23.85 13.99 5.54
CA ASN A 716 24.84 14.61 6.42
C ASN A 716 25.33 13.74 7.55
N MET A 717 24.48 12.82 8.03
CA MET A 717 24.88 11.93 9.11
C MET A 717 25.78 10.80 8.62
N TYR A 718 25.73 10.51 7.32
CA TYR A 718 26.66 9.55 6.71
C TYR A 718 27.94 10.23 6.25
N LYS A 719 27.82 11.49 5.84
CA LYS A 719 28.95 12.29 5.37
C LYS A 719 30.07 12.33 6.40
N LYS A 720 29.69 12.46 7.66
CA LYS A 720 30.60 12.47 8.80
C LYS A 720 31.56 11.26 8.84
N TYR A 721 31.19 10.19 8.13
CA TYR A 721 32.01 8.97 8.08
C TYR A 721 32.54 8.62 6.70
N MET A 722 32.27 9.48 5.72
CA MET A 722 32.72 9.25 4.35
C MET A 722 34.19 9.65 4.17
N PRO A 723 35.01 8.75 3.59
CA PRO A 723 36.48 8.83 3.49
C PRO A 723 37.09 10.14 2.98
N ASP A 724 36.26 11.06 2.50
CA ASP A 724 36.72 12.24 1.75
C ASP A 724 37.23 11.77 0.39
N LYS A 725 36.26 11.40 -0.45
CA LYS A 725 36.46 10.82 -1.77
C LYS A 725 35.06 10.42 -2.19
N LEU A 726 34.48 9.50 -1.43
CA LEU A 726 33.06 9.15 -1.54
C LEU A 726 32.22 10.41 -1.33
N ALA A 727 32.71 11.30 -0.47
CA ALA A 727 32.06 12.59 -0.19
C ALA A 727 31.88 13.46 -1.43
N ARG A 728 32.80 13.33 -2.39
CA ARG A 728 32.72 14.08 -3.65
C ARG A 728 31.57 13.61 -4.54
N LEU A 729 31.19 12.36 -4.36
CA LEU A 729 30.11 11.73 -5.13
C LEU A 729 28.76 12.41 -4.90
N ASP A 730 28.03 12.62 -5.99
CA ASP A 730 26.70 13.20 -5.94
C ASP A 730 25.89 12.53 -4.83
N PRO A 731 25.36 13.35 -3.89
CA PRO A 731 24.62 12.87 -2.73
C PRO A 731 23.52 11.84 -3.08
N ARG A 732 22.72 12.14 -4.10
CA ARG A 732 21.63 11.26 -4.51
C ARG A 732 22.14 9.88 -4.93
N LEU A 733 23.31 9.86 -5.56
CA LEU A 733 23.91 8.60 -6.00
C LEU A 733 24.35 7.78 -4.80
N PHE A 734 24.92 8.46 -3.80
CA PHE A 734 25.32 7.78 -2.57
C PHE A 734 24.12 7.12 -1.91
N CYS A 735 23.04 7.89 -1.76
CA CYS A 735 21.81 7.39 -1.16
C CYS A 735 21.25 6.17 -1.89
N LYS A 736 21.25 6.23 -3.22
CA LYS A 736 20.81 5.10 -4.05
C LYS A 736 21.64 3.85 -3.76
N ALA A 737 22.95 4.03 -3.66
CA ALA A 737 23.88 2.95 -3.32
C ALA A 737 23.66 2.44 -1.90
N LEU A 738 23.30 3.35 -0.98
CA LEU A 738 23.01 2.97 0.39
C LEU A 738 21.73 2.14 0.49
N PHE A 739 20.73 2.49 -0.31
CA PHE A 739 19.44 1.80 -0.28
C PHE A 739 19.59 0.41 -0.88
N LYS A 740 20.34 0.35 -1.99
CA LYS A 740 20.76 -0.92 -2.58
C LYS A 740 21.43 -1.82 -1.53
N ALA A 741 22.35 -1.25 -0.77
CA ALA A 741 23.11 -1.98 0.25
C ALA A 741 22.24 -2.52 1.38
N LEU A 742 21.13 -1.84 1.67
CA LEU A 742 20.23 -2.30 2.73
C LEU A 742 18.93 -2.89 2.21
N GLY A 743 18.99 -3.51 1.04
CA GLY A 743 17.86 -4.30 0.52
C GLY A 743 17.15 -3.66 -0.66
N LEU A 744 16.55 -2.51 -0.41
CA LEU A 744 15.64 -1.80 -1.33
C LEU A 744 15.95 -1.86 -2.82
N ASN A 745 14.90 -2.12 -3.61
CA ASN A 745 14.93 -1.91 -5.06
C ASN A 745 14.44 -0.50 -5.34
N GLU A 746 14.58 -0.05 -6.59
CA GLU A 746 14.24 1.33 -6.94
C GLU A 746 12.77 1.69 -6.76
N ILE A 747 11.87 0.76 -7.02
CA ILE A 747 10.42 0.99 -6.80
C ILE A 747 10.03 1.14 -5.33
N ASP A 748 10.93 0.73 -4.42
CA ASP A 748 10.67 0.81 -2.97
C ASP A 748 10.74 2.22 -2.39
N TYR A 749 11.35 3.15 -3.12
CA TYR A 749 11.55 4.51 -2.62
C TYR A 749 11.39 5.57 -3.70
N LYS A 750 11.24 6.81 -3.27
CA LYS A 750 11.13 7.95 -4.18
C LYS A 750 11.74 9.20 -3.57
N PHE A 751 12.46 9.96 -4.38
CA PHE A 751 12.98 11.25 -3.94
C PHE A 751 11.97 12.34 -4.23
N GLY A 752 11.53 12.99 -3.17
CA GLY A 752 10.70 14.18 -3.29
C GLY A 752 11.60 15.39 -3.40
N LEU A 753 11.02 16.57 -3.27
CA LEU A 753 11.79 17.80 -3.35
C LEU A 753 12.79 17.97 -2.20
N THR A 754 12.40 17.57 -0.99
CA THR A 754 13.27 17.73 0.19
C THR A 754 13.40 16.46 1.04
N LYS A 755 12.44 15.54 0.87
CA LYS A 755 12.38 14.32 1.68
C LYS A 755 12.39 13.10 0.79
N VAL A 756 13.03 12.02 1.26
CA VAL A 756 13.00 10.74 0.56
C VAL A 756 11.94 9.85 1.21
N PHE A 757 11.10 9.25 0.38
CA PHE A 757 9.93 8.49 0.84
C PHE A 757 10.12 6.99 0.58
N PHE A 758 9.55 6.16 1.45
CA PHE A 758 9.69 4.70 1.33
C PHE A 758 8.34 4.02 1.37
N ARG A 759 8.16 3.05 0.47
CA ARG A 759 6.88 2.37 0.28
C ARG A 759 6.48 1.50 1.47
N PRO A 760 5.20 1.06 1.53
CA PRO A 760 4.76 0.16 2.60
C PRO A 760 5.61 -1.11 2.71
N GLY A 761 5.67 -1.68 3.91
CA GLY A 761 6.34 -2.96 4.12
C GLY A 761 7.86 -2.92 4.15
N LYS A 762 8.42 -1.71 4.23
CA LYS A 762 9.87 -1.53 4.23
C LYS A 762 10.39 -0.85 5.50
N PHE A 763 9.67 -1.03 6.62
CA PHE A 763 10.01 -0.37 7.88
C PHE A 763 11.37 -0.75 8.45
N ALA A 764 11.73 -2.03 8.36
CA ALA A 764 13.02 -2.51 8.85
C ALA A 764 14.19 -1.86 8.10
N GLU A 765 14.09 -1.87 6.76
CA GLU A 765 15.09 -1.22 5.92
C GLU A 765 15.24 0.26 6.29
N PHE A 766 14.11 0.95 6.39
CA PHE A 766 14.06 2.34 6.80
C PHE A 766 14.76 2.57 8.14
N ASP A 767 14.49 1.70 9.10
CA ASP A 767 15.08 1.81 10.43
C ASP A 767 16.59 1.62 10.42
N GLN A 768 17.07 0.70 9.57
CA GLN A 768 18.50 0.49 9.39
C GLN A 768 19.16 1.73 8.77
N ILE A 769 18.53 2.28 7.75
CA ILE A 769 19.03 3.49 7.08
C ILE A 769 19.20 4.63 8.07
N MET A 770 18.20 4.83 8.93
CA MET A 770 18.17 5.96 9.87
C MET A 770 18.99 5.77 11.14
N LYS A 771 19.43 4.54 11.43
CA LYS A 771 20.17 4.25 12.65
C LYS A 771 21.42 5.13 12.81
N SER A 772 21.54 5.79 13.96
CA SER A 772 22.57 6.85 14.16
C SER A 772 23.92 6.34 14.67
N ASP A 773 23.95 5.09 15.14
CA ASP A 773 25.14 4.50 15.73
C ASP A 773 26.37 4.60 14.82
N PRO A 774 27.43 5.28 15.31
CA PRO A 774 28.74 5.45 14.66
C PRO A 774 29.28 4.21 13.92
N ASP A 775 29.30 3.06 14.58
CA ASP A 775 29.82 1.83 13.97
C ASP A 775 28.97 1.39 12.80
N HIS A 776 27.66 1.57 12.94
CA HIS A 776 26.71 1.18 11.91
C HIS A 776 26.82 2.09 10.70
N LEU A 777 27.10 3.37 10.93
CA LEU A 777 27.26 4.33 9.85
C LEU A 777 28.61 4.13 9.17
N ALA A 778 29.62 3.74 9.95
CA ALA A 778 30.95 3.46 9.42
C ALA A 778 30.99 2.15 8.64
N GLU A 779 30.31 1.13 9.14
CA GLU A 779 30.24 -0.17 8.46
C GLU A 779 29.55 -0.04 7.11
N LEU A 780 28.43 0.70 7.08
CA LEU A 780 27.69 0.90 5.85
C LEU A 780 28.47 1.74 4.83
N VAL A 781 29.05 2.85 5.27
CA VAL A 781 29.88 3.69 4.40
C VAL A 781 31.00 2.87 3.77
N LYS A 782 31.62 2.01 4.57
CA LYS A 782 32.67 1.10 4.09
C LYS A 782 32.10 0.16 3.03
N ARG A 783 30.94 -0.43 3.34
CA ARG A 783 30.25 -1.35 2.43
C ARG A 783 29.90 -0.72 1.08
N VAL A 784 29.30 0.47 1.09
CA VAL A 784 29.00 1.17 -0.18
C VAL A 784 30.26 1.67 -0.90
N ASN A 785 31.28 2.07 -0.13
CA ASN A 785 32.57 2.50 -0.71
C ASN A 785 33.21 1.38 -1.54
N HIS A 786 33.18 0.18 -0.98
CA HIS A 786 33.64 -1.02 -1.64
C HIS A 786 32.86 -1.26 -2.92
N TRP A 787 31.54 -1.15 -2.83
CA TRP A 787 30.64 -1.38 -3.96
C TRP A 787 30.90 -0.44 -5.13
N LEU A 788 31.20 0.82 -4.82
CA LEU A 788 31.47 1.83 -5.84
C LEU A 788 32.79 1.58 -6.57
N ILE A 789 33.78 1.09 -5.83
CA ILE A 789 35.06 0.67 -6.42
C ILE A 789 34.83 -0.56 -7.31
N CYS A 790 34.04 -1.51 -6.82
CA CYS A 790 33.68 -2.70 -7.60
C CYS A 790 32.90 -2.37 -8.87
N SER A 791 32.11 -1.29 -8.84
CA SER A 791 31.40 -0.81 -10.02
C SER A 791 32.37 -0.18 -11.01
N ARG A 792 33.09 0.86 -10.58
CA ARG A 792 34.03 1.58 -11.45
C ARG A 792 34.97 0.62 -12.18
N TRP A 793 35.44 -0.40 -11.47
CA TRP A 793 36.20 -1.47 -12.08
C TRP A 793 35.37 -2.17 -13.15
N LYS A 794 34.28 -2.81 -12.73
CA LYS A 794 33.44 -3.57 -13.66
C LYS A 794 33.00 -2.76 -14.87
N LYS A 795 32.71 -1.47 -14.67
CA LYS A 795 32.30 -0.59 -15.76
C LYS A 795 33.37 -0.53 -16.87
N VAL A 796 34.58 -0.15 -16.52
CA VAL A 796 35.68 -0.06 -17.49
C VAL A 796 36.18 -1.44 -17.96
N GLN A 797 35.99 -2.46 -17.10
CA GLN A 797 36.28 -3.84 -17.47
C GLN A 797 35.36 -4.31 -18.59
N TRP A 798 34.06 -4.26 -18.33
CA TRP A 798 33.03 -4.67 -19.29
C TRP A 798 33.03 -3.81 -20.56
N CYS A 799 33.41 -2.55 -20.42
CA CYS A 799 33.56 -1.67 -21.58
C CYS A 799 34.71 -2.10 -22.49
N SER A 800 35.77 -2.63 -21.87
CA SER A 800 36.91 -3.16 -22.61
C SER A 800 36.48 -4.41 -23.37
N LEU A 801 35.71 -5.28 -22.71
CA LEU A 801 35.12 -6.45 -23.36
C LEU A 801 34.20 -6.02 -24.49
N SER A 802 33.50 -4.91 -24.27
CA SER A 802 32.57 -4.36 -25.26
C SER A 802 33.27 -4.01 -26.56
N VAL A 803 34.45 -3.40 -26.45
CA VAL A 803 35.24 -3.01 -27.61
C VAL A 803 35.82 -4.24 -28.31
N ILE A 804 36.29 -5.20 -27.52
CA ILE A 804 36.79 -6.47 -28.06
C ILE A 804 35.71 -7.16 -28.89
N LYS A 805 34.49 -7.20 -28.37
CA LYS A 805 33.38 -7.82 -29.08
C LYS A 805 33.00 -7.05 -30.35
N LEU A 806 32.94 -5.72 -30.25
CA LEU A 806 32.63 -4.89 -31.41
C LEU A 806 33.63 -5.12 -32.53
N LYS A 807 34.92 -5.05 -32.18
CA LYS A 807 36.00 -5.32 -33.10
C LYS A 807 35.89 -6.74 -33.69
N ASN A 808 35.59 -7.72 -32.84
CA ASN A 808 35.41 -9.09 -33.30
C ASN A 808 34.26 -9.24 -34.29
N LYS A 809 33.15 -8.55 -34.02
CA LYS A 809 31.98 -8.58 -34.89
C LYS A 809 32.32 -8.05 -36.29
N ILE A 810 33.12 -6.99 -36.33
CA ILE A 810 33.54 -6.40 -37.60
C ILE A 810 34.27 -7.43 -38.47
N LYS A 811 35.25 -8.12 -37.88
CA LYS A 811 35.97 -9.20 -38.56
C LYS A 811 35.03 -10.33 -38.97
N TYR A 812 34.00 -10.55 -38.16
CA TYR A 812 33.00 -11.59 -38.38
C TYR A 812 32.06 -11.24 -39.53
N ARG A 813 31.79 -9.95 -39.73
CA ARG A 813 31.02 -9.49 -40.89
C ARG A 813 31.84 -9.69 -42.16
N ALA A 814 33.03 -9.09 -42.18
CA ALA A 814 33.94 -9.15 -43.34
C ALA A 814 34.22 -10.57 -43.80
N GLU A 815 34.41 -11.47 -42.87
CA GLU A 815 34.67 -12.84 -43.18
C GLU A 815 33.57 -13.46 -43.95
N ALA A 816 32.40 -13.24 -43.44
CA ALA A 816 31.22 -13.74 -44.03
C ALA A 816 30.96 -13.16 -45.39
N VAL A 817 31.27 -11.90 -45.62
CA VAL A 817 31.01 -11.32 -46.92
C VAL A 817 32.04 -11.64 -47.95
N SER A 818 33.19 -12.01 -47.48
CA SER A 818 34.27 -12.37 -48.31
C SER A 818 34.05 -13.74 -48.84
N LYS A 819 33.47 -14.55 -48.01
CA LYS A 819 33.23 -15.93 -48.25
C LYS A 819 32.17 -16.09 -49.26
N GLY A 820 31.18 -15.25 -49.15
CA GLY A 820 30.09 -15.12 -50.11
C GLY A 820 30.62 -14.70 -51.47
N GLU A 821 31.47 -13.67 -51.46
CA GLU A 821 32.09 -13.15 -52.67
C GLU A 821 33.07 -14.11 -53.36
N GLU A 822 33.75 -14.95 -52.58
CA GLU A 822 34.74 -15.87 -53.15
C GLU A 822 34.08 -17.10 -53.78
N LEU A 823 32.79 -17.29 -53.51
CA LEU A 823 32.01 -18.34 -54.16
C LEU A 823 31.70 -18.02 -55.63
N PHE A 824 31.79 -16.74 -55.98
CA PHE A 824 31.41 -16.29 -57.32
C PHE A 824 32.59 -15.75 -58.15
N THR A 825 33.82 -16.10 -57.79
CA THR A 825 34.98 -15.57 -58.52
C THR A 825 35.06 -16.10 -59.93
N GLY A 826 34.90 -17.42 -60.09
CA GLY A 826 34.93 -18.04 -61.40
C GLY A 826 33.54 -18.31 -61.93
N VAL A 827 33.47 -19.17 -62.95
CA VAL A 827 32.21 -19.65 -63.51
C VAL A 827 31.58 -20.66 -62.55
N VAL A 828 30.27 -20.52 -62.32
CA VAL A 828 29.54 -21.39 -61.39
C VAL A 828 28.34 -22.06 -62.07
N PRO A 829 28.29 -23.40 -62.03
CA PRO A 829 27.14 -24.15 -62.57
C PRO A 829 25.83 -23.89 -61.81
N ILE A 830 24.72 -23.84 -62.54
CA ILE A 830 23.40 -23.59 -61.97
C ILE A 830 22.43 -24.76 -62.26
N LEU A 831 21.50 -25.00 -61.33
CA LEU A 831 20.36 -25.88 -61.57
C LEU A 831 19.09 -25.20 -61.07
N VAL A 832 18.07 -25.15 -61.92
CA VAL A 832 16.81 -24.52 -61.57
C VAL A 832 15.69 -25.53 -61.68
N GLU A 833 14.76 -25.49 -60.74
CA GLU A 833 13.60 -26.36 -60.77
C GLU A 833 12.37 -25.55 -60.41
N LEU A 834 11.36 -25.60 -61.27
CA LEU A 834 10.10 -24.91 -61.01
C LEU A 834 8.90 -25.85 -61.14
N ASP A 835 7.95 -25.71 -60.22
CA ASP A 835 6.62 -26.29 -60.36
C ASP A 835 5.62 -25.17 -60.44
N GLY A 836 4.73 -25.26 -61.43
CA GLY A 836 3.78 -24.18 -61.69
C GLY A 836 2.35 -24.64 -61.81
N ASP A 837 1.44 -23.78 -61.35
CA ASP A 837 0.01 -23.98 -61.50
C ASP A 837 -0.57 -22.64 -61.93
N VAL A 838 -1.14 -22.61 -63.14
CA VAL A 838 -1.76 -21.40 -63.68
C VAL A 838 -3.19 -21.73 -64.13
N ASN A 839 -4.17 -21.20 -63.38
CA ASN A 839 -5.59 -21.52 -63.59
C ASN A 839 -5.85 -23.03 -63.71
N GLY A 840 -5.22 -23.80 -62.84
CA GLY A 840 -5.39 -25.26 -62.86
C GLY A 840 -4.42 -25.99 -63.77
N HIS A 841 -3.74 -25.26 -64.66
CA HIS A 841 -2.76 -25.89 -65.55
C HIS A 841 -1.43 -26.11 -64.85
N LYS A 842 -1.19 -27.36 -64.47
CA LYS A 842 0.03 -27.75 -63.77
C LYS A 842 1.13 -28.10 -64.77
N PHE A 843 2.32 -27.53 -64.54
CA PHE A 843 3.47 -27.75 -65.40
C PHE A 843 4.75 -27.72 -64.58
N SER A 844 5.81 -28.28 -65.16
CA SER A 844 7.11 -28.30 -64.53
C SER A 844 8.21 -27.97 -65.53
N VAL A 845 9.22 -27.24 -65.08
CA VAL A 845 10.37 -26.95 -65.91
C VAL A 845 11.68 -27.14 -65.15
N SER A 846 12.67 -27.72 -65.82
CA SER A 846 14.02 -27.89 -65.30
C SER A 846 14.96 -26.96 -66.04
N GLY A 847 15.90 -26.37 -65.30
CA GLY A 847 16.86 -25.44 -65.87
C GLY A 847 18.28 -25.79 -65.50
N GLU A 848 19.20 -25.49 -66.39
CA GLU A 848 20.63 -25.67 -66.13
C GLU A 848 21.46 -24.71 -66.96
N GLY A 849 22.66 -24.41 -66.47
CA GLY A 849 23.61 -23.54 -67.15
C GLY A 849 24.69 -23.07 -66.21
N GLU A 850 25.17 -21.85 -66.43
CA GLU A 850 26.24 -21.29 -65.61
C GLU A 850 26.13 -19.79 -65.43
N GLY A 851 26.68 -19.29 -64.33
CA GLY A 851 26.70 -17.87 -64.04
C GLY A 851 28.12 -17.38 -63.91
N ASP A 852 28.37 -16.18 -64.41
CA ASP A 852 29.70 -15.58 -64.33
C ASP A 852 29.52 -14.17 -63.79
N ALA A 853 29.63 -14.02 -62.47
CA ALA A 853 29.33 -12.77 -61.76
C ALA A 853 30.28 -11.62 -62.10
N THR A 854 31.49 -11.94 -62.53
CA THR A 854 32.44 -10.94 -62.98
C THR A 854 31.88 -10.20 -64.20
N TYR A 855 31.27 -10.94 -65.11
CA TYR A 855 30.64 -10.36 -66.30
C TYR A 855 29.16 -10.07 -66.07
N GLY A 856 28.63 -10.57 -64.96
CA GLY A 856 27.19 -10.51 -64.68
C GLY A 856 26.37 -11.33 -65.66
N LYS A 857 27.00 -12.36 -66.26
CA LYS A 857 26.37 -13.16 -67.30
C LYS A 857 25.61 -14.38 -66.77
N LEU A 858 24.39 -14.57 -67.24
CA LEU A 858 23.64 -15.81 -67.05
C LEU A 858 23.40 -16.52 -68.37
N THR A 859 23.83 -17.77 -68.46
CA THR A 859 23.52 -18.59 -69.62
C THR A 859 22.74 -19.83 -69.17
N LEU A 860 21.47 -19.87 -69.54
CA LEU A 860 20.58 -20.93 -69.06
C LEU A 860 19.66 -21.50 -70.11
N LYS A 861 19.42 -22.80 -69.98
CA LYS A 861 18.44 -23.50 -70.80
C LYS A 861 17.38 -24.13 -69.91
N PHE A 862 16.12 -23.86 -70.23
CA PHE A 862 15.01 -24.40 -69.48
C PHE A 862 14.19 -25.34 -70.35
N ILE A 863 13.84 -26.49 -69.79
CA ILE A 863 13.04 -27.50 -70.49
C ILE A 863 11.75 -27.71 -69.71
N CYS A 864 10.61 -27.59 -70.39
CA CYS A 864 9.34 -27.96 -69.78
C CYS A 864 9.19 -29.47 -69.86
N THR A 865 9.26 -30.15 -68.71
CA THR A 865 9.24 -31.62 -68.66
C THR A 865 7.85 -32.25 -68.75
N THR A 866 6.81 -31.43 -68.73
CA THR A 866 5.43 -31.92 -68.65
C THR A 866 4.64 -31.77 -69.96
N GLY A 867 5.32 -31.39 -71.03
CA GLY A 867 4.68 -31.14 -72.31
C GLY A 867 4.81 -29.68 -72.72
N LYS A 868 3.76 -29.14 -73.34
CA LYS A 868 3.73 -27.75 -73.76
C LYS A 868 3.53 -26.85 -72.55
N LEU A 869 4.15 -25.68 -72.59
CA LEU A 869 4.03 -24.71 -71.52
C LEU A 869 2.70 -24.00 -71.66
N PRO A 870 1.91 -23.97 -70.57
CA PRO A 870 0.59 -23.33 -70.60
C PRO A 870 0.65 -21.82 -70.61
N VAL A 871 1.85 -21.27 -70.37
CA VAL A 871 2.07 -19.83 -70.44
C VAL A 871 3.21 -19.52 -71.42
N PRO A 872 3.30 -18.27 -71.91
CA PRO A 872 4.42 -17.95 -72.80
C PRO A 872 5.71 -17.87 -72.00
N TRP A 873 6.79 -18.43 -72.56
CA TRP A 873 8.09 -18.41 -71.89
C TRP A 873 8.49 -17.02 -71.36
N PRO A 874 8.33 -15.96 -72.19
CA PRO A 874 8.75 -14.64 -71.71
C PRO A 874 8.17 -14.22 -70.36
N THR A 875 6.97 -14.70 -70.02
CA THR A 875 6.35 -14.34 -68.73
C THR A 875 7.08 -14.98 -67.54
N LEU A 876 8.01 -15.88 -67.83
CA LEU A 876 8.75 -16.62 -66.81
C LEU A 876 10.20 -16.19 -66.68
N VAL A 877 10.61 -15.27 -67.55
CA VAL A 877 12.00 -14.81 -67.64
C VAL A 877 12.53 -14.26 -66.31
N THR A 878 11.81 -13.29 -65.72
CA THR A 878 12.18 -12.72 -64.42
C THR A 878 12.17 -13.73 -63.26
N THR A 879 11.32 -14.76 -63.36
CA THR A 879 11.31 -15.85 -62.39
C THR A 879 12.55 -16.72 -62.59
N PHE A 880 12.83 -17.03 -63.86
CA PHE A 880 14.00 -17.82 -64.20
C PHE A 880 15.27 -17.00 -64.13
N VAL A 882 18.22 -15.98 -59.51
CA VAL A 882 19.65 -16.19 -59.17
C VAL A 882 20.41 -14.86 -59.32
N GLN A 883 19.79 -13.81 -58.77
CA GLN A 883 20.34 -12.43 -58.83
C GLN A 883 21.69 -12.29 -58.16
N CYS A 884 22.15 -13.36 -57.51
CA CYS A 884 23.48 -13.42 -56.92
C CYS A 884 24.59 -13.39 -57.98
N PHE A 885 24.22 -13.58 -59.25
CA PHE A 885 25.18 -13.52 -60.35
C PHE A 885 25.29 -12.15 -61.00
N ALA A 886 24.68 -11.14 -60.40
CA ALA A 886 24.79 -9.76 -60.89
C ALA A 886 26.22 -9.22 -60.74
N ARG A 887 26.64 -8.42 -61.71
CA ARG A 887 27.90 -7.69 -61.64
C ARG A 887 27.78 -6.48 -60.72
N TYR A 888 28.50 -6.53 -59.61
CA TYR A 888 28.67 -5.38 -58.74
C TYR A 888 30.11 -4.94 -58.91
N PRO A 889 30.33 -3.77 -59.56
CA PRO A 889 31.70 -3.27 -59.76
C PRO A 889 32.35 -2.81 -58.45
N ASP A 890 33.65 -2.51 -58.52
CA ASP A 890 34.49 -2.21 -57.35
C ASP A 890 33.79 -1.50 -56.17
N HIS A 891 33.34 -0.27 -56.39
CA HIS A 891 32.78 0.54 -55.30
C HIS A 891 31.33 0.20 -54.94
N MET A 892 30.76 -0.80 -55.62
CA MET A 892 29.40 -1.27 -55.37
C MET A 892 29.31 -2.52 -54.48
N ARG A 893 30.42 -3.24 -54.33
CA ARG A 893 30.45 -4.54 -53.63
C ARG A 893 29.81 -4.56 -52.24
N GLN A 894 29.77 -3.39 -51.59
CA GLN A 894 29.16 -3.22 -50.29
C GLN A 894 27.63 -3.30 -50.33
N HIS A 895 27.07 -3.17 -51.54
CA HIS A 895 25.62 -3.13 -51.71
C HIS A 895 25.03 -4.47 -52.20
N ASP A 896 25.82 -5.53 -52.11
CA ASP A 896 25.44 -6.83 -52.67
C ASP A 896 24.87 -7.79 -51.64
N PHE A 897 23.58 -7.64 -51.37
CA PHE A 897 22.86 -8.53 -50.46
C PHE A 897 22.94 -9.98 -50.90
N PHE A 898 22.77 -10.20 -52.21
CA PHE A 898 22.62 -11.55 -52.76
C PHE A 898 23.83 -12.44 -52.49
N LYS A 899 25.03 -11.92 -52.74
CA LYS A 899 26.24 -12.70 -52.51
C LYS A 899 26.54 -12.86 -51.02
N SER A 900 26.14 -11.88 -50.22
CA SER A 900 26.39 -11.90 -48.77
C SER A 900 25.62 -12.97 -48.00
N ALA A 901 24.49 -13.41 -48.56
CA ALA A 901 23.67 -14.46 -47.94
C ALA A 901 24.22 -15.87 -48.23
N MET A 902 25.18 -15.95 -49.14
CA MET A 902 25.72 -17.25 -49.58
C MET A 902 26.85 -17.74 -48.69
N PRO A 903 27.01 -19.08 -48.54
CA PRO A 903 26.38 -20.19 -49.27
C PRO A 903 24.99 -20.61 -48.80
N GLU A 904 24.56 -20.17 -47.63
CA GLU A 904 23.27 -20.59 -47.08
C GLU A 904 22.08 -20.08 -47.89
N GLY A 905 22.28 -18.92 -48.52
CA GLY A 905 21.32 -18.39 -49.45
C GLY A 905 20.14 -17.63 -48.87
N TYR A 906 19.08 -17.51 -49.67
CA TYR A 906 17.94 -16.67 -49.35
C TYR A 906 16.66 -17.17 -50.02
N VAL A 907 15.55 -16.59 -49.59
CA VAL A 907 14.23 -16.85 -50.18
C VAL A 907 13.80 -15.62 -50.96
N GLN A 908 13.42 -15.83 -52.23
CA GLN A 908 12.85 -14.77 -53.04
C GLN A 908 11.35 -15.01 -53.18
N GLU A 909 10.58 -13.98 -52.88
CA GLU A 909 9.12 -14.04 -53.00
C GLU A 909 8.62 -12.91 -53.89
N ARG A 910 7.82 -13.26 -54.88
CA ARG A 910 7.33 -12.26 -55.81
C ARG A 910 5.82 -12.34 -56.00
N THR A 911 5.21 -11.20 -56.27
CA THR A 911 3.87 -11.15 -56.83
C THR A 911 3.97 -10.37 -58.13
N ILE A 912 3.47 -10.96 -59.21
CA ILE A 912 3.57 -10.35 -60.52
C ILE A 912 2.16 -10.11 -61.05
N PHE A 913 1.82 -8.84 -61.25
CA PHE A 913 0.50 -8.45 -61.72
C PHE A 913 0.54 -8.14 -63.21
N PHE A 914 -0.17 -8.93 -64.00
CA PHE A 914 -0.35 -8.63 -65.41
C PHE A 914 -1.58 -7.74 -65.58
N LYS A 915 -1.35 -6.46 -65.84
CA LYS A 915 -2.42 -5.47 -65.96
C LYS A 915 -3.54 -5.93 -66.91
N ASP A 916 -4.78 -5.84 -66.42
CA ASP A 916 -5.99 -6.28 -67.14
C ASP A 916 -6.06 -7.81 -67.30
N ASP A 917 -5.38 -8.53 -66.42
CA ASP A 917 -5.30 -9.98 -66.47
C ASP A 917 -4.91 -10.52 -65.10
N GLY A 918 -4.42 -11.75 -65.05
CA GLY A 918 -4.11 -12.42 -63.78
C GLY A 918 -2.82 -11.99 -63.10
N ASN A 919 -2.41 -12.77 -62.10
CA ASN A 919 -1.18 -12.53 -61.37
C ASN A 919 -0.43 -13.81 -61.04
N TYR A 920 0.89 -13.72 -60.92
CA TYR A 920 1.72 -14.83 -60.45
C TYR A 920 2.14 -14.58 -59.01
N LYS A 921 2.26 -15.65 -58.26
CA LYS A 921 2.93 -15.63 -56.97
C LYS A 921 4.02 -16.69 -56.97
N THR A 922 5.24 -16.27 -56.66
CA THR A 922 6.39 -17.16 -56.70
C THR A 922 7.13 -17.18 -55.38
N ARG A 923 7.58 -18.36 -54.99
CA ARG A 923 8.50 -18.51 -53.88
C ARG A 923 9.72 -19.24 -54.42
N ALA A 924 10.89 -18.64 -54.26
CA ALA A 924 12.13 -19.23 -54.73
C ALA A 924 13.12 -19.38 -53.58
N GLU A 925 13.78 -20.53 -53.52
CA GLU A 925 14.81 -20.79 -52.53
C GLU A 925 16.15 -20.99 -53.23
N VAL A 926 17.06 -20.04 -53.04
CA VAL A 926 18.33 -19.99 -53.75
C VAL A 926 19.49 -20.17 -52.77
N LYS A 927 20.28 -21.23 -52.97
CA LYS A 927 21.48 -21.48 -52.16
C LYS A 927 22.46 -22.40 -52.85
N PHE A 928 23.67 -22.48 -52.30
CA PHE A 928 24.67 -23.40 -52.81
C PHE A 928 24.40 -24.84 -52.37
N GLU A 929 24.74 -25.76 -53.26
CA GLU A 929 24.67 -27.18 -52.99
C GLU A 929 25.94 -27.74 -53.60
N GLY A 930 26.98 -27.82 -52.78
CA GLY A 930 28.32 -28.10 -53.28
C GLY A 930 28.79 -26.91 -54.09
N ASP A 931 29.47 -27.15 -55.20
CA ASP A 931 29.97 -26.03 -56.00
C ASP A 931 28.98 -25.48 -57.02
N THR A 932 27.74 -25.98 -56.98
CA THR A 932 26.72 -25.49 -57.90
C THR A 932 25.62 -24.73 -57.16
N LEU A 933 25.13 -23.66 -57.79
CA LEU A 933 24.08 -22.87 -57.22
C LEU A 933 22.72 -23.41 -57.66
N VAL A 934 21.89 -23.75 -56.67
CA VAL A 934 20.59 -24.35 -56.95
C VAL A 934 19.46 -23.38 -56.60
N ASN A 935 18.35 -23.53 -57.30
CA ASN A 935 17.19 -22.67 -57.13
C ASN A 935 15.92 -23.48 -57.34
N ARG A 936 15.11 -23.56 -56.29
CA ARG A 936 13.83 -24.28 -56.35
C ARG A 936 12.68 -23.31 -56.21
N ILE A 937 11.81 -23.30 -57.21
CA ILE A 937 10.72 -22.34 -57.31
C ILE A 937 9.36 -23.03 -57.39
N GLU A 938 8.37 -22.44 -56.71
CA GLU A 938 6.97 -22.81 -56.84
C GLU A 938 6.23 -21.61 -57.42
N LEU A 939 5.34 -21.84 -58.39
CA LEU A 939 4.62 -20.74 -59.01
C LEU A 939 3.12 -21.00 -59.06
N LYS A 940 2.34 -20.01 -58.63
CA LYS A 940 0.89 -20.07 -58.71
C LYS A 940 0.35 -18.86 -59.46
N GLY A 941 -0.42 -19.14 -60.51
CA GLY A 941 -1.15 -18.10 -61.25
C GLY A 941 -2.65 -18.28 -61.10
N ILE A 942 -3.36 -17.17 -60.88
CA ILE A 942 -4.82 -17.18 -60.78
C ILE A 942 -5.44 -16.00 -61.54
N ASP A 943 -6.75 -16.03 -61.73
CA ASP A 943 -7.54 -14.95 -62.35
C ASP A 943 -7.18 -14.64 -63.82
N PHE A 944 -6.51 -15.56 -64.49
CA PHE A 944 -6.07 -15.31 -65.86
C PHE A 944 -7.21 -15.48 -66.87
N LYS A 945 -7.37 -14.51 -67.75
CA LYS A 945 -8.32 -14.59 -68.86
C LYS A 945 -7.84 -15.64 -69.85
N GLU A 946 -8.65 -16.68 -70.08
CA GLU A 946 -8.26 -17.80 -70.96
C GLU A 946 -7.99 -17.39 -72.41
N ASP A 947 -8.52 -16.22 -72.82
CA ASP A 947 -8.23 -15.63 -74.12
C ASP A 947 -7.43 -14.33 -73.98
N GLY A 948 -6.77 -14.15 -72.85
CA GLY A 948 -5.86 -13.03 -72.65
C GLY A 948 -4.53 -13.26 -73.34
N ASN A 949 -3.60 -12.31 -73.19
CA ASN A 949 -2.29 -12.40 -73.82
C ASN A 949 -1.41 -13.53 -73.27
N ILE A 950 -1.65 -13.88 -72.01
CA ILE A 950 -0.86 -14.88 -71.31
C ILE A 950 -1.32 -16.29 -71.70
N LEU A 951 -2.55 -16.65 -71.34
CA LEU A 951 -3.04 -18.00 -71.62
C LEU A 951 -3.35 -18.26 -73.09
N GLY A 952 -3.54 -17.19 -73.85
CA GLY A 952 -3.76 -17.31 -75.29
C GLY A 952 -2.51 -17.08 -76.12
N HIS A 953 -1.35 -17.16 -75.45
CA HIS A 953 -0.03 -17.05 -76.08
C HIS A 953 0.06 -15.98 -77.16
N LYS A 954 -0.13 -14.72 -76.79
CA LYS A 954 -0.09 -13.62 -77.76
C LYS A 954 1.18 -12.78 -77.66
N LEU A 955 2.08 -13.14 -76.74
CA LEU A 955 3.34 -12.40 -76.55
C LEU A 955 4.39 -12.82 -77.55
N GLU A 956 5.19 -11.84 -78.01
CA GLU A 956 6.31 -12.12 -78.89
C GLU A 956 7.46 -12.74 -78.11
N TYR A 957 8.20 -13.62 -78.78
CA TYR A 957 9.33 -14.32 -78.18
C TYR A 957 10.57 -13.41 -78.18
N ASN A 958 10.50 -12.34 -77.38
CA ASN A 958 11.57 -11.38 -77.22
C ASN A 958 11.48 -10.71 -75.85
N TYR A 959 12.38 -9.76 -75.58
CA TYR A 959 12.45 -9.14 -74.27
C TYR A 959 13.16 -7.79 -74.29
N ASN A 960 12.59 -6.83 -73.57
CA ASN A 960 13.14 -5.48 -73.46
C ASN A 960 14.08 -5.36 -72.26
N SER A 961 14.94 -4.36 -72.30
CA SER A 961 15.81 -4.03 -71.19
C SER A 961 15.03 -3.31 -70.11
N HIS A 962 15.44 -3.49 -68.85
CA HIS A 962 14.74 -2.91 -67.70
C HIS A 962 15.73 -2.55 -66.60
N ASN A 963 15.38 -1.53 -65.84
CA ASN A 963 16.08 -1.24 -64.60
C ASN A 963 15.22 -1.66 -63.41
N VAL A 964 15.89 -2.21 -62.39
CA VAL A 964 15.25 -2.82 -61.25
C VAL A 964 15.73 -2.02 -60.04
N TYR A 965 14.81 -1.51 -59.23
CA TYR A 965 15.23 -0.69 -58.11
C TYR A 965 15.26 -1.43 -56.79
N ILE A 966 16.48 -1.68 -56.29
CA ILE A 966 16.68 -2.39 -55.05
C ILE A 966 16.79 -1.43 -53.89
N MET A 967 16.12 -1.77 -52.79
CA MET A 967 16.26 -1.05 -51.53
C MET A 967 16.20 -2.01 -50.36
N ALA A 968 16.79 -1.59 -49.25
CA ALA A 968 16.86 -2.42 -48.05
C ALA A 968 15.50 -2.56 -47.40
N ASP A 969 15.21 -3.78 -46.96
CA ASP A 969 14.06 -4.07 -46.11
C ASP A 969 14.60 -4.29 -44.71
N LYS A 970 14.78 -3.19 -43.99
CA LYS A 970 15.43 -3.16 -42.68
C LYS A 970 14.81 -4.09 -41.63
N GLN A 971 13.48 -4.13 -41.60
CA GLN A 971 12.74 -4.93 -40.61
C GLN A 971 12.89 -6.43 -40.83
N LYS A 972 12.84 -6.86 -42.09
CA LYS A 972 12.95 -8.29 -42.44
C LYS A 972 14.39 -8.72 -42.72
N ASN A 973 15.33 -7.78 -42.64
CA ASN A 973 16.78 -8.03 -42.80
C ASN A 973 17.20 -8.46 -44.21
N GLY A 974 16.44 -8.01 -45.20
CA GLY A 974 16.71 -8.32 -46.59
C GLY A 974 16.48 -7.12 -47.48
N ILE A 975 15.85 -7.35 -48.62
CA ILE A 975 15.63 -6.29 -49.61
C ILE A 975 14.20 -6.27 -50.15
N LYS A 976 13.81 -5.12 -50.71
CA LYS A 976 12.52 -4.91 -51.36
C LYS A 976 12.79 -4.43 -52.79
N VAL A 977 12.01 -4.93 -53.73
CA VAL A 977 12.22 -4.56 -55.14
C VAL A 977 10.90 -4.29 -55.84
N ASN A 978 10.89 -3.24 -56.67
CA ASN A 978 9.71 -2.87 -57.46
C ASN A 978 10.08 -2.55 -58.91
N PHE A 979 9.49 -3.27 -59.84
CA PHE A 979 9.73 -3.01 -61.26
C PHE A 979 8.57 -3.41 -62.15
N LYS A 980 8.42 -2.73 -63.28
CA LYS A 980 7.42 -3.05 -64.28
C LYS A 980 8.09 -3.60 -65.54
N ILE A 981 7.70 -4.80 -65.94
CA ILE A 981 8.16 -5.39 -67.19
C ILE A 981 7.17 -5.12 -68.31
N ARG A 982 7.68 -4.72 -69.47
CA ARG A 982 6.88 -4.53 -70.66
C ARG A 982 7.15 -5.67 -71.63
N HIS A 983 6.10 -6.43 -71.92
CA HIS A 983 6.14 -7.50 -72.91
C HIS A 983 5.46 -7.05 -74.18
N ASN A 984 6.06 -7.33 -75.33
CA ASN A 984 5.49 -6.96 -76.60
C ASN A 984 4.39 -7.92 -77.03
N ILE A 985 3.27 -7.37 -77.51
CA ILE A 985 2.18 -8.16 -78.07
C ILE A 985 2.31 -8.17 -79.59
N GLU A 986 1.92 -9.28 -80.21
CA GLU A 986 2.02 -9.48 -81.65
C GLU A 986 1.56 -8.27 -82.49
N ASP A 987 0.42 -7.69 -82.13
CA ASP A 987 -0.18 -6.59 -82.90
C ASP A 987 0.47 -5.21 -82.68
N GLY A 988 1.51 -5.15 -81.84
CA GLY A 988 2.27 -3.91 -81.62
C GLY A 988 2.00 -3.19 -80.31
N SER A 989 1.12 -3.76 -79.49
CA SER A 989 0.82 -3.18 -78.18
C SER A 989 1.69 -3.84 -77.11
N VAL A 990 1.51 -3.41 -75.86
CA VAL A 990 2.36 -3.85 -74.76
C VAL A 990 1.54 -4.43 -73.59
N GLN A 991 1.93 -5.62 -73.13
CA GLN A 991 1.38 -6.21 -71.91
C GLN A 991 2.26 -5.85 -70.72
N LEU A 992 1.70 -5.14 -69.76
CA LEU A 992 2.44 -4.64 -68.60
C LEU A 992 2.44 -5.68 -67.47
N ALA A 993 3.61 -5.88 -66.86
CA ALA A 993 3.75 -6.83 -65.75
C ALA A 993 4.41 -6.17 -64.54
N ASP A 994 3.62 -6.00 -63.47
CA ASP A 994 4.05 -5.25 -62.30
C ASP A 994 4.57 -6.19 -61.23
N HIS A 995 5.85 -6.02 -60.86
CA HIS A 995 6.52 -6.96 -59.96
C HIS A 995 6.68 -6.40 -58.57
N TYR A 996 6.46 -7.24 -57.57
CA TYR A 996 6.67 -6.90 -56.17
C TYR A 996 7.48 -8.02 -55.55
N GLN A 997 8.64 -7.66 -55.00
CA GLN A 997 9.64 -8.64 -54.61
C GLN A 997 10.22 -8.40 -53.22
N GLN A 998 10.47 -9.49 -52.51
CA GLN A 998 11.11 -9.43 -51.21
C GLN A 998 12.10 -10.59 -51.07
N ASN A 999 13.32 -10.27 -50.64
CA ASN A 999 14.31 -11.29 -50.31
C ASN A 999 14.69 -11.24 -48.83
N THR A 1000 14.62 -12.38 -48.17
CA THR A 1000 15.09 -12.52 -46.79
C THR A 1000 16.09 -13.68 -46.75
N PRO A 1001 17.16 -13.56 -45.93
CA PRO A 1001 18.19 -14.59 -45.84
C PRO A 1001 17.69 -15.88 -45.17
N ILE A 1002 18.26 -17.02 -45.56
CA ILE A 1002 17.89 -18.28 -44.95
C ILE A 1002 18.49 -18.41 -43.56
N GLY A 1003 19.81 -18.29 -43.47
CA GLY A 1003 20.51 -18.38 -42.18
C GLY A 1003 20.28 -17.16 -41.30
N ASP A 1004 20.80 -17.22 -40.09
CA ASP A 1004 20.75 -16.05 -39.19
C ASP A 1004 22.11 -15.36 -39.05
N GLY A 1005 23.04 -15.72 -39.94
CA GLY A 1005 24.34 -15.06 -40.01
C GLY A 1005 24.26 -13.67 -40.61
N PRO A 1006 25.39 -12.95 -40.65
CA PRO A 1006 25.38 -11.56 -41.11
C PRO A 1006 25.21 -11.41 -42.63
N VAL A 1007 24.48 -10.38 -43.03
CA VAL A 1007 24.28 -10.05 -44.45
C VAL A 1007 24.50 -8.55 -44.68
N LEU A 1008 24.61 -8.16 -45.95
CA LEU A 1008 24.73 -6.75 -46.30
C LEU A 1008 23.38 -6.15 -46.64
N LEU A 1009 23.06 -5.02 -46.00
CA LEU A 1009 21.89 -4.26 -46.38
C LEU A 1009 22.34 -3.04 -47.19
N PRO A 1010 21.89 -2.96 -48.45
CA PRO A 1010 22.41 -1.99 -49.40
C PRO A 1010 21.73 -0.62 -49.35
N ASP A 1011 22.44 0.40 -49.81
CA ASP A 1011 21.84 1.68 -50.16
C ASP A 1011 21.02 1.47 -51.43
N ASN A 1012 19.99 2.29 -51.60
CA ASN A 1012 19.19 2.22 -52.82
C ASN A 1012 20.08 2.29 -54.05
N HIS A 1013 19.87 1.35 -54.96
CA HIS A 1013 20.62 1.27 -56.22
C HIS A 1013 19.77 0.51 -57.22
N TYR A 1014 20.22 0.44 -58.47
CA TYR A 1014 19.51 -0.34 -59.45
C TYR A 1014 20.34 -1.34 -60.24
N LEU A 1015 19.70 -2.43 -60.66
CA LEU A 1015 20.29 -3.40 -61.56
C LEU A 1015 19.78 -3.17 -62.98
N SER A 1016 20.70 -3.11 -63.94
CA SER A 1016 20.35 -3.08 -65.35
C SER A 1016 20.35 -4.48 -65.92
N TYR A 1017 19.26 -4.84 -66.60
CA TYR A 1017 19.15 -6.13 -67.28
C TYR A 1017 19.10 -5.96 -68.79
N GLN A 1018 19.85 -6.81 -69.50
CA GLN A 1018 19.62 -7.07 -70.92
C GLN A 1018 19.27 -8.55 -70.98
N SER A 1019 18.28 -8.92 -71.78
CA SER A 1019 17.88 -10.33 -71.90
C SER A 1019 17.72 -10.71 -73.35
N ALA A 1020 18.20 -11.91 -73.69
CA ALA A 1020 18.05 -12.45 -75.03
C ALA A 1020 17.46 -13.87 -74.99
N LEU A 1021 16.37 -14.04 -75.73
CA LEU A 1021 15.70 -15.33 -75.81
C LEU A 1021 16.01 -15.99 -77.14
N SER A 1022 16.25 -17.29 -77.09
CA SER A 1022 16.60 -18.07 -78.27
C SER A 1022 16.17 -19.53 -78.10
N LYS A 1023 16.38 -20.32 -79.16
CA LYS A 1023 15.97 -21.72 -79.16
C LYS A 1023 17.15 -22.60 -79.50
N ASP A 1024 17.28 -23.71 -78.77
CA ASP A 1024 18.23 -24.76 -79.11
C ASP A 1024 17.71 -25.49 -80.35
N PRO A 1025 18.44 -25.37 -81.48
CA PRO A 1025 17.94 -25.92 -82.76
C PRO A 1025 17.79 -27.44 -82.75
N ASN A 1026 18.43 -28.12 -81.80
CA ASN A 1026 18.34 -29.59 -81.68
C ASN A 1026 17.40 -30.06 -80.58
N GLU A 1027 16.81 -29.13 -79.85
CA GLU A 1027 15.96 -29.48 -78.71
C GLU A 1027 14.52 -29.76 -79.17
N LYS A 1028 14.06 -30.99 -78.91
CA LYS A 1028 12.74 -31.39 -79.33
C LYS A 1028 11.63 -30.96 -78.36
N ARG A 1029 11.96 -30.87 -77.07
CA ARG A 1029 11.00 -30.42 -76.06
C ARG A 1029 10.78 -28.91 -76.05
N ASP A 1030 9.63 -28.49 -75.52
CA ASP A 1030 9.29 -27.08 -75.36
C ASP A 1030 10.29 -26.45 -74.40
N HIS A 1031 10.96 -25.38 -74.85
CA HIS A 1031 12.11 -24.85 -74.12
C HIS A 1031 12.39 -23.37 -74.37
N MET A 1032 13.29 -22.84 -73.54
CA MET A 1032 13.81 -21.50 -73.74
C MET A 1032 15.29 -21.47 -73.41
N VAL A 1033 16.07 -20.85 -74.28
CA VAL A 1033 17.46 -20.53 -73.96
C VAL A 1033 17.49 -19.06 -73.57
N LEU A 1034 18.07 -18.78 -72.40
CA LEU A 1034 18.12 -17.43 -71.86
C LEU A 1034 19.55 -16.96 -71.72
N LEU A 1035 19.82 -15.78 -72.26
CA LEU A 1035 21.09 -15.13 -72.10
C LEU A 1035 20.81 -13.78 -71.46
N GLU A 1036 21.43 -13.53 -70.30
CA GLU A 1036 21.15 -12.32 -69.56
C GLU A 1036 22.43 -11.68 -69.01
N PHE A 1037 22.45 -10.35 -69.03
CA PHE A 1037 23.55 -9.57 -68.43
C PHE A 1037 23.00 -8.62 -67.36
N VAL A 1038 23.66 -8.59 -66.20
CA VAL A 1038 23.19 -7.76 -65.09
C VAL A 1038 24.31 -6.96 -64.45
N THR A 1039 24.24 -5.64 -64.58
CA THR A 1039 25.18 -4.74 -63.87
C THR A 1039 24.44 -3.88 -62.84
N ALA A 1040 25.06 -3.75 -61.67
CA ALA A 1040 24.58 -2.85 -60.63
C ALA A 1040 25.14 -1.46 -60.87
N ALA A 1041 24.34 -0.44 -60.55
CA ALA A 1041 24.78 0.96 -60.72
C ALA A 1041 24.11 1.91 -59.74
N GLY A 1042 24.67 3.11 -59.64
CA GLY A 1042 24.14 4.15 -58.75
C GLY A 1042 22.92 4.84 -59.33
N THR B 6 23.37 -14.30 -19.07
CA THR B 6 22.86 -14.22 -17.67
C THR B 6 22.26 -12.85 -17.37
N GLU B 7 21.43 -12.77 -16.33
CA GLU B 7 20.76 -11.53 -15.93
C GLU B 7 21.73 -10.52 -15.31
N GLU B 8 22.85 -11.03 -14.79
CA GLU B 8 23.91 -10.19 -14.23
C GLU B 8 24.75 -9.55 -15.33
N GLN B 9 25.17 -10.37 -16.30
CA GLN B 9 26.03 -9.93 -17.40
C GLN B 9 25.44 -8.78 -18.25
N ILE B 10 24.13 -8.78 -18.42
CA ILE B 10 23.43 -7.70 -19.14
C ILE B 10 23.52 -6.37 -18.38
N ALA B 11 23.29 -6.42 -17.07
CA ALA B 11 23.38 -5.23 -16.20
C ALA B 11 24.79 -4.65 -16.18
N GLU B 12 25.79 -5.53 -16.21
CA GLU B 12 27.19 -5.14 -16.31
C GLU B 12 27.46 -4.44 -17.64
N PHE B 13 26.90 -4.97 -18.72
CA PHE B 13 27.01 -4.35 -20.04
C PHE B 13 26.29 -3.01 -20.11
N LYS B 14 25.18 -2.89 -19.37
CA LYS B 14 24.38 -1.65 -19.33
C LYS B 14 25.18 -0.51 -18.70
N GLU B 15 25.97 -0.85 -17.69
CA GLU B 15 26.83 0.11 -17.02
C GLU B 15 27.96 0.53 -17.95
N ALA B 16 28.44 -0.44 -18.74
CA ALA B 16 29.45 -0.18 -19.77
C ALA B 16 28.87 0.66 -20.91
N PHE B 17 27.59 0.44 -21.22
CA PHE B 17 26.88 1.14 -22.29
C PHE B 17 26.78 2.65 -22.04
N SER B 18 26.82 3.05 -20.77
CA SER B 18 26.80 4.47 -20.39
C SER B 18 28.14 5.15 -20.67
N LEU B 19 29.21 4.36 -20.74
CA LEU B 19 30.53 4.88 -21.09
C LEU B 19 30.63 5.07 -22.61
N PHE B 20 29.66 4.51 -23.33
CA PHE B 20 29.45 4.76 -24.75
C PHE B 20 28.53 5.96 -24.90
N ASP B 21 27.55 6.04 -23.99
CA ASP B 21 26.54 7.08 -23.98
C ASP B 21 26.96 8.26 -23.09
N LYS B 22 28.12 8.84 -23.40
CA LYS B 22 28.70 9.96 -22.64
C LYS B 22 27.78 11.17 -22.51
N ASP B 23 26.97 11.41 -23.54
CA ASP B 23 25.99 12.49 -23.53
C ASP B 23 24.81 12.19 -22.58
N GLY B 24 24.53 10.90 -22.36
CA GLY B 24 23.55 10.48 -21.37
C GLY B 24 22.12 10.34 -21.87
N ASP B 25 21.93 10.58 -23.16
CA ASP B 25 20.62 10.52 -23.80
C ASP B 25 20.08 9.09 -23.96
N GLY B 26 20.98 8.17 -24.34
CA GLY B 26 20.62 6.78 -24.61
C GLY B 26 21.08 6.36 -26.00
N THR B 27 21.78 7.26 -26.69
CA THR B 27 22.25 7.03 -28.05
C THR B 27 23.78 6.98 -28.12
N GLU B 32 29.22 7.68 -31.94
CA GLU B 32 29.59 7.50 -30.54
C GLU B 32 30.46 6.24 -30.36
N LEU B 33 29.97 5.12 -30.89
CA LEU B 33 30.70 3.84 -30.91
C LEU B 33 32.16 4.04 -31.33
N GLY B 34 32.34 4.76 -32.44
CA GLY B 34 33.67 5.10 -32.93
C GLY B 34 34.47 5.84 -31.89
N THR B 35 33.89 6.89 -31.32
CA THR B 35 34.57 7.74 -30.34
C THR B 35 35.22 6.92 -29.22
N VAL B 36 34.41 6.07 -28.59
CA VAL B 36 34.87 5.23 -27.48
C VAL B 36 35.75 4.07 -27.98
N MET B 37 35.40 3.50 -29.13
CA MET B 37 36.15 2.39 -29.71
C MET B 37 37.57 2.81 -30.05
N ARG B 38 37.72 4.03 -30.58
CA ARG B 38 39.03 4.60 -30.86
C ARG B 38 39.77 4.86 -29.55
N SER B 39 39.08 5.49 -28.59
CA SER B 39 39.67 5.88 -27.32
C SER B 39 40.08 4.69 -26.46
N LEU B 40 39.37 3.57 -26.61
CA LEU B 40 39.74 2.31 -25.97
C LEU B 40 40.97 1.70 -26.64
N GLY B 41 41.56 2.44 -27.58
CA GLY B 41 42.79 2.05 -28.24
C GLY B 41 42.61 0.92 -29.23
N GLN B 42 41.62 1.05 -30.10
CA GLN B 42 41.32 0.04 -31.11
C GLN B 42 41.29 0.68 -32.50
N ASN B 43 42.25 0.26 -33.33
CA ASN B 43 42.48 0.84 -34.65
C ASN B 43 41.27 0.98 -35.60
N PRO B 44 40.56 -0.14 -35.92
CA PRO B 44 39.47 -0.19 -36.90
C PRO B 44 38.76 1.14 -37.22
N THR B 45 38.78 1.51 -38.50
CA THR B 45 38.33 2.82 -38.96
C THR B 45 36.80 2.96 -39.08
N GLU B 46 36.36 3.96 -39.86
CA GLU B 46 34.98 4.43 -39.88
C GLU B 46 34.03 3.58 -40.73
N ALA B 47 34.58 2.95 -41.77
CA ALA B 47 33.79 2.24 -42.78
C ALA B 47 32.94 1.10 -42.20
N GLU B 48 33.52 0.38 -41.25
CA GLU B 48 32.92 -0.84 -40.72
C GLU B 48 31.80 -0.58 -39.71
N LEU B 49 31.81 0.61 -39.10
CA LEU B 49 30.84 0.97 -38.06
C LEU B 49 29.42 1.20 -38.58
N GLN B 50 29.31 1.89 -39.70
CA GLN B 50 28.01 2.13 -40.35
C GLN B 50 27.39 0.82 -40.83
N ASP B 51 28.26 -0.11 -41.23
CA ASP B 51 27.85 -1.44 -41.68
C ASP B 51 27.35 -2.32 -40.53
N MET B 52 28.04 -2.25 -39.38
CA MET B 52 27.72 -3.06 -38.20
C MET B 52 26.42 -2.62 -37.53
N ILE B 53 26.18 -1.32 -37.46
CA ILE B 53 24.95 -0.76 -36.89
C ILE B 53 23.73 -1.11 -37.72
N ASN B 54 23.97 -1.42 -38.99
CA ASN B 54 22.92 -1.66 -39.96
C ASN B 54 22.16 -2.98 -39.80
N GLU B 55 22.58 -3.80 -38.84
CA GLU B 55 21.91 -5.08 -38.59
C GLU B 55 20.81 -5.01 -37.50
N VAL B 56 20.93 -4.07 -36.58
CA VAL B 56 19.97 -3.97 -35.47
C VAL B 56 19.01 -2.80 -35.58
N ASP B 57 19.47 -1.73 -36.23
CA ASP B 57 18.63 -0.57 -36.54
C ASP B 57 17.44 -1.00 -37.41
N ALA B 58 16.35 -1.39 -36.75
CA ALA B 58 15.18 -1.98 -37.40
C ALA B 58 14.25 -0.92 -38.00
N ASP B 59 14.26 0.27 -37.39
CA ASP B 59 13.40 1.37 -37.80
C ASP B 59 14.07 2.30 -38.83
N GLY B 60 15.37 2.11 -39.05
CA GLY B 60 16.12 2.88 -40.04
C GLY B 60 16.65 4.21 -39.52
N ASN B 61 16.22 4.58 -38.31
CA ASN B 61 16.58 5.88 -37.71
C ASN B 61 18.07 6.05 -37.43
N GLY B 62 18.79 4.94 -37.30
CA GLY B 62 20.19 4.95 -36.93
C GLY B 62 20.37 5.23 -35.44
N THR B 63 19.27 5.36 -34.72
CA THR B 63 19.29 5.58 -33.28
C THR B 63 19.77 4.32 -32.57
N ILE B 64 20.83 4.48 -31.78
CA ILE B 64 21.44 3.37 -31.05
C ILE B 64 20.78 3.15 -29.68
N ASP B 65 20.10 2.02 -29.53
CA ASP B 65 19.38 1.67 -28.30
C ASP B 65 19.99 0.44 -27.61
N PHE B 66 19.96 0.43 -26.27
CA PHE B 66 20.61 -0.65 -25.49
C PHE B 66 20.28 -2.08 -25.94
N PRO B 67 18.99 -2.41 -26.16
CA PRO B 67 18.68 -3.75 -26.67
C PRO B 67 19.39 -4.07 -28.00
N GLU B 68 19.69 -3.05 -28.79
CA GLU B 68 20.44 -3.20 -30.05
C GLU B 68 21.88 -3.60 -29.77
N PHE B 69 22.51 -2.85 -28.87
CA PHE B 69 23.90 -3.02 -28.45
C PHE B 69 24.31 -4.47 -28.21
N LEU B 70 23.54 -5.20 -27.40
CA LEU B 70 23.88 -6.57 -27.01
C LEU B 70 23.82 -7.56 -28.17
N THR B 71 22.76 -7.45 -28.96
CA THR B 71 22.54 -8.32 -30.12
C THR B 71 23.61 -8.04 -31.18
N MET B 72 23.95 -6.76 -31.34
CA MET B 72 25.01 -6.32 -32.24
C MET B 72 26.38 -6.91 -31.89
N MET B 73 26.52 -7.35 -30.64
CA MET B 73 27.77 -7.92 -30.14
C MET B 73 27.85 -9.43 -30.30
N ALA B 74 26.70 -10.05 -30.57
CA ALA B 74 26.59 -11.52 -30.60
C ALA B 74 27.23 -12.15 -31.84
N ARG B 75 27.83 -13.33 -31.65
CA ARG B 75 28.45 -14.12 -32.72
C ARG B 75 28.08 -15.60 -32.62
N LYS B 76 28.47 -16.38 -33.62
CA LYS B 76 28.28 -17.84 -33.58
C LYS B 76 29.57 -18.52 -33.12
N ASP B 81 35.64 -19.22 -27.22
CA ASP B 81 36.28 -18.04 -27.78
C ASP B 81 36.19 -16.82 -26.84
N SER B 82 35.20 -16.83 -25.95
CA SER B 82 34.99 -15.73 -25.01
C SER B 82 36.12 -15.61 -23.99
N GLU B 83 36.74 -16.74 -23.65
CA GLU B 83 37.83 -16.78 -22.66
C GLU B 83 39.06 -15.97 -23.11
N GLU B 84 39.30 -15.96 -24.43
CA GLU B 84 40.40 -15.19 -25.00
C GLU B 84 40.07 -13.71 -25.10
N GLU B 85 38.77 -13.39 -25.09
CA GLU B 85 38.31 -11.99 -25.11
C GLU B 85 38.63 -11.28 -23.80
N ILE B 86 38.44 -11.98 -22.69
CA ILE B 86 38.80 -11.47 -21.36
C ILE B 86 40.31 -11.23 -21.25
N ARG B 87 41.09 -12.18 -21.77
CA ARG B 87 42.55 -12.06 -21.80
C ARG B 87 43.02 -10.90 -22.67
N GLU B 88 42.25 -10.60 -23.71
CA GLU B 88 42.52 -9.48 -24.60
C GLU B 88 42.13 -8.16 -23.95
N ALA B 89 41.10 -8.20 -23.09
CA ALA B 89 40.67 -7.03 -22.33
C ALA B 89 41.75 -6.56 -21.36
N PHE B 90 42.42 -7.53 -20.72
CA PHE B 90 43.56 -7.25 -19.84
C PHE B 90 44.69 -6.55 -20.61
N ARG B 91 44.93 -7.00 -21.83
CA ARG B 91 45.95 -6.41 -22.71
C ARG B 91 45.63 -4.96 -23.12
N VAL B 92 44.37 -4.55 -22.95
CA VAL B 92 43.97 -3.15 -23.17
C VAL B 92 44.44 -2.28 -22.01
N PHE B 93 44.52 -2.87 -20.81
CA PHE B 93 45.04 -2.19 -19.64
C PHE B 93 46.58 -2.09 -19.68
N ASP B 94 47.23 -3.19 -20.07
CA ASP B 94 48.69 -3.21 -20.26
C ASP B 94 49.10 -2.30 -21.41
N LYS B 95 49.83 -1.24 -21.10
CA LYS B 95 50.42 -0.38 -22.13
C LYS B 95 51.61 -1.08 -22.78
N ASP B 96 52.43 -1.73 -21.94
CA ASP B 96 53.61 -2.48 -22.37
C ASP B 96 53.35 -3.99 -22.51
N GLY B 97 52.84 -4.60 -21.44
CA GLY B 97 52.43 -6.02 -21.48
C GLY B 97 53.32 -6.95 -20.70
N ASN B 98 53.55 -6.65 -19.43
CA ASN B 98 54.37 -7.50 -18.56
C ASN B 98 53.60 -8.58 -17.81
N GLY B 99 52.34 -8.31 -17.50
CA GLY B 99 51.49 -9.23 -16.73
C GLY B 99 50.89 -8.55 -15.52
N PHE B 100 51.20 -7.27 -15.34
CA PHE B 100 50.69 -6.48 -14.23
C PHE B 100 50.23 -5.10 -14.69
N ILE B 101 49.16 -4.60 -14.07
CA ILE B 101 48.63 -3.25 -14.33
C ILE B 101 49.03 -2.32 -13.20
N SER B 102 49.62 -1.19 -13.58
CA SER B 102 50.06 -0.18 -12.61
C SER B 102 49.07 0.98 -12.52
N ALA B 103 49.29 1.86 -11.55
CA ALA B 103 48.48 3.05 -11.35
C ALA B 103 48.50 3.96 -12.59
N ALA B 104 49.69 4.11 -13.18
CA ALA B 104 49.87 4.91 -14.39
C ALA B 104 49.24 4.26 -15.62
N GLU B 105 49.21 2.93 -15.63
CA GLU B 105 48.57 2.16 -16.70
C GLU B 105 47.04 2.32 -16.66
N LEU B 106 46.47 2.16 -15.47
CA LEU B 106 45.02 2.30 -15.26
C LEU B 106 44.55 3.75 -15.43
N ARG B 107 45.43 4.71 -15.20
CA ARG B 107 45.11 6.13 -15.41
C ARG B 107 44.93 6.46 -16.89
N HIS B 108 45.64 5.72 -17.73
CA HIS B 108 45.55 5.90 -19.18
C HIS B 108 44.20 5.48 -19.73
N VAL B 109 43.70 4.32 -19.31
CA VAL B 109 42.38 3.84 -19.73
C VAL B 109 41.26 4.71 -19.14
N MET B 110 41.51 5.30 -17.97
CA MET B 110 40.54 6.15 -17.28
C MET B 110 40.28 7.49 -17.99
N THR B 111 41.32 8.04 -18.63
CA THR B 111 41.20 9.32 -19.32
C THR B 111 41.25 9.15 -20.83
N THR B 118 40.98 11.77 -9.87
CA THR B 118 42.18 12.12 -9.13
C THR B 118 43.13 10.93 -8.99
N ASP B 119 44.43 11.23 -8.95
CA ASP B 119 45.47 10.21 -8.83
C ASP B 119 45.36 9.36 -7.57
N GLU B 120 44.95 10.01 -6.47
CA GLU B 120 44.74 9.31 -5.20
C GLU B 120 43.63 8.28 -5.31
N GLU B 121 42.59 8.62 -6.07
CA GLU B 121 41.46 7.71 -6.32
C GLU B 121 41.89 6.50 -7.13
N VAL B 122 42.77 6.72 -8.12
CA VAL B 122 43.32 5.65 -8.93
C VAL B 122 44.13 4.67 -8.07
N ASP B 123 44.85 5.20 -7.08
CA ASP B 123 45.60 4.39 -6.13
C ASP B 123 44.66 3.54 -5.27
N GLU B 124 43.57 4.15 -4.81
CA GLU B 124 42.54 3.45 -4.03
C GLU B 124 41.84 2.37 -4.86
N MET B 125 41.75 2.62 -6.17
CA MET B 125 41.15 1.68 -7.11
C MET B 125 42.08 0.50 -7.36
N ILE B 126 43.37 0.78 -7.48
CA ILE B 126 44.39 -0.26 -7.67
C ILE B 126 44.51 -1.18 -6.47
N ARG B 127 44.60 -0.57 -5.28
CA ARG B 127 44.76 -1.30 -4.02
C ARG B 127 43.61 -2.26 -3.71
N GLU B 128 42.39 -1.86 -4.07
CA GLU B 128 41.18 -2.63 -3.75
C GLU B 128 41.02 -3.90 -4.57
N ALA B 129 41.75 -3.98 -5.69
CA ALA B 129 41.76 -5.18 -6.54
C ALA B 129 42.91 -6.11 -6.17
N ASP B 130 44.04 -5.54 -5.80
CA ASP B 130 45.27 -6.29 -5.44
C ASP B 130 45.04 -7.25 -4.27
N ILE B 131 44.77 -8.52 -4.59
CA ILE B 131 44.48 -9.54 -3.59
C ILE B 131 45.75 -10.10 -2.93
N ASP B 132 46.77 -10.42 -3.75
CA ASP B 132 48.01 -11.00 -3.22
C ASP B 132 48.84 -10.01 -2.39
N GLY B 133 49.08 -8.82 -2.94
CA GLY B 133 49.79 -7.76 -2.22
C GLY B 133 50.98 -7.13 -2.94
N ASP B 134 51.04 -7.30 -4.27
CA ASP B 134 52.16 -6.80 -5.07
C ASP B 134 52.07 -5.31 -5.41
N GLY B 135 50.90 -4.71 -5.18
CA GLY B 135 50.66 -3.32 -5.54
C GLY B 135 50.35 -3.16 -7.02
N GLN B 136 49.95 -4.27 -7.64
CA GLN B 136 49.56 -4.28 -9.05
C GLN B 136 48.57 -5.42 -9.28
N VAL B 137 47.83 -5.34 -10.39
CA VAL B 137 46.78 -6.31 -10.70
C VAL B 137 47.12 -7.21 -11.90
N ASN B 138 47.16 -8.51 -11.65
CA ASN B 138 47.38 -9.51 -12.68
C ASN B 138 46.07 -10.15 -13.15
N TYR B 139 46.15 -11.00 -14.18
CA TYR B 139 44.97 -11.61 -14.81
C TYR B 139 44.15 -12.49 -13.87
N GLU B 140 44.81 -13.41 -13.17
CA GLU B 140 44.14 -14.35 -12.27
C GLU B 140 43.24 -13.67 -11.23
N GLU B 141 43.46 -12.38 -11.03
CA GLU B 141 42.70 -11.57 -10.06
C GLU B 141 41.84 -10.50 -10.76
N PHE B 142 42.16 -10.24 -12.03
CA PHE B 142 41.40 -9.34 -12.90
C PHE B 142 40.02 -9.91 -13.21
N VAL B 143 39.94 -11.24 -13.26
CA VAL B 143 38.70 -11.97 -13.55
C VAL B 143 37.74 -11.93 -12.36
N THR B 144 38.28 -12.12 -11.16
CA THR B 144 37.50 -12.13 -9.91
C THR B 144 36.68 -10.84 -9.74
N MET B 145 37.33 -9.71 -10.00
CA MET B 145 36.68 -8.40 -9.96
C MET B 145 35.54 -8.29 -10.97
N MET B 146 35.77 -8.81 -12.18
CA MET B 146 34.78 -8.76 -13.27
C MET B 146 33.52 -9.57 -12.98
N THR B 147 33.68 -10.71 -12.30
CA THR B 147 32.52 -11.55 -11.94
C THR B 147 32.25 -11.49 -10.44
#